data_7ZBP
#
_entry.id   7ZBP
#
_cell.length_a   100.349
_cell.length_b   107.440
_cell.length_c   186.231
_cell.angle_alpha   90.000
_cell.angle_beta   90.000
_cell.angle_gamma   90.000
#
_symmetry.space_group_name_H-M   'C 2 2 21'
#
loop_
_entity.id
_entity.type
_entity.pdbx_description
1 polymer 'Marasmius rotula UPO'
2 non-polymer DI(HYDROXYETHYL)ETHER
3 non-polymer 'PROTOPORPHYRIN IX CONTAINING FE'
4 non-polymer 'MAGNESIUM ION'
5 non-polymer 'ACETATE ION'
6 non-polymer GLYCEROL
7 water water
#
_entity_poly.entity_id   1
_entity_poly.type   'polypeptide(L)'
_entity_poly.pdbx_seq_one_letter_code
;AVDFSAHPWKAPGPNDSRGPCPGLNTLANHGFLPRNGRNISVPMIVKAGFEGYNVQSDILILAGKIGMLTSREADTISLE
DLKLHGTIEHDASLSREDVAIGDNLHFNEAIFTTLANSNPGADVYNISSAAQVQHDRLADSLARNPNVTNTDLTATIRSS
ESAFFLTVMSAGDPLRGEAPKKFVNVFFREERMPIKEGWKRSTTPITIPLLGPIIERITELSDWKPTGDNCGAIVLSPE
;
_entity_poly.pdbx_strand_id   A,B,C,D
#
# COMPACT_ATOMS: atom_id res chain seq x y z
N ALA A 1 22.99 19.75 36.39
CA ALA A 1 22.48 18.64 37.22
C ALA A 1 22.77 17.28 36.56
N VAL A 2 23.19 17.23 35.29
CA VAL A 2 23.48 15.98 34.53
C VAL A 2 24.81 15.40 35.00
N ASP A 3 24.81 14.12 35.24
CA ASP A 3 26.01 13.36 35.59
C ASP A 3 26.38 12.47 34.41
N PHE A 4 27.35 12.91 33.60
CA PHE A 4 27.80 12.10 32.47
C PHE A 4 28.48 10.82 32.92
N SER A 5 29.12 10.81 34.12
CA SER A 5 29.81 9.58 34.58
C SER A 5 28.83 8.43 34.79
N ALA A 6 27.56 8.76 35.03
CA ALA A 6 26.49 7.78 35.23
C ALA A 6 25.88 7.30 33.89
N HIS A 7 26.43 7.82 32.78
CA HIS A 7 25.93 7.57 31.42
C HIS A 7 27.07 7.12 30.53
N PRO A 8 27.68 5.94 30.77
CA PRO A 8 28.75 5.47 29.91
C PRO A 8 28.20 4.97 28.57
N TRP A 9 29.03 5.14 27.56
CA TRP A 9 28.79 4.58 26.22
C TRP A 9 28.92 3.07 26.34
N LYS A 10 27.95 2.37 25.83
CA LYS A 10 28.04 0.92 25.57
C LYS A 10 27.58 0.65 24.13
N ALA A 11 28.37 -0.14 23.41
CA ALA A 11 28.08 -0.50 22.03
C ALA A 11 26.70 -1.13 22.00
N PRO A 12 25.84 -0.76 21.04
CA PRO A 12 24.56 -1.43 20.93
C PRO A 12 24.71 -2.89 20.46
N GLY A 13 23.87 -3.74 21.04
CA GLY A 13 23.69 -5.15 20.64
C GLY A 13 22.97 -5.22 19.30
N PRO A 14 23.08 -6.33 18.56
CA PRO A 14 22.32 -6.50 17.33
C PRO A 14 20.80 -6.40 17.51
N ASN A 15 20.32 -6.61 18.73
CA ASN A 15 18.88 -6.63 19.07
C ASN A 15 18.40 -5.28 19.63
N ASP A 16 19.31 -4.34 19.90
CA ASP A 16 18.94 -2.99 20.43
C ASP A 16 18.38 -2.19 19.27
N SER A 17 17.22 -1.58 19.44
CA SER A 17 16.61 -0.82 18.34
C SER A 17 17.38 0.47 18.15
N ARG A 18 17.85 0.67 16.93
CA ARG A 18 18.56 1.91 16.55
C ARG A 18 17.97 2.40 15.24
N GLY A 19 18.05 3.71 15.03
CA GLY A 19 17.42 4.35 13.89
C GLY A 19 18.45 5.00 12.96
N PRO A 20 17.94 5.86 12.09
CA PRO A 20 18.79 6.61 11.14
C PRO A 20 19.38 7.90 11.72
N CYS A 21 19.09 8.19 12.98
CA CYS A 21 19.43 9.47 13.62
C CYS A 21 20.61 9.24 14.56
N PRO A 22 21.80 9.80 14.27
CA PRO A 22 22.90 9.65 15.21
C PRO A 22 22.68 10.34 16.56
N GLY A 23 21.86 11.38 16.56
CA GLY A 23 21.60 12.13 17.83
C GLY A 23 20.86 11.25 18.81
N LEU A 24 19.78 10.63 18.38
CA LEU A 24 19.01 9.76 19.29
C LEU A 24 19.76 8.45 19.54
N ASN A 25 20.49 7.91 18.55
CA ASN A 25 21.19 6.65 18.78
C ASN A 25 22.30 6.87 19.83
N THR A 26 22.98 7.99 19.79
CA THR A 26 24.02 8.34 20.79
C THR A 26 23.40 8.46 22.17
N LEU A 27 22.26 9.13 22.28
CA LEU A 27 21.60 9.21 23.59
C LEU A 27 21.26 7.83 24.11
N ALA A 28 20.78 6.91 23.29
CA ALA A 28 20.48 5.54 23.72
C ALA A 28 21.77 4.78 24.10
N ASN A 29 22.85 4.97 23.36
CA ASN A 29 24.13 4.31 23.63
C ASN A 29 24.68 4.76 24.97
N HIS A 30 24.25 5.91 25.51
CA HIS A 30 24.73 6.42 26.81
C HIS A 30 23.65 6.24 27.89
N GLY A 31 22.53 5.63 27.57
CA GLY A 31 21.47 5.39 28.54
C GLY A 31 20.72 6.66 28.89
N PHE A 32 20.84 7.74 28.14
CA PHE A 32 19.94 8.90 28.32
C PHE A 32 18.55 8.56 27.79
N LEU A 33 18.49 7.74 26.74
CA LEU A 33 17.28 7.01 26.35
C LEU A 33 17.54 5.56 26.69
N PRO A 34 16.47 4.75 26.77
CA PRO A 34 16.63 3.33 27.01
C PRO A 34 17.64 2.70 26.04
N ARG A 35 18.55 1.88 26.59
CA ARG A 35 19.62 1.27 25.79
C ARG A 35 19.02 0.32 24.77
N ASN A 36 17.82 -0.21 25.00
CA ASN A 36 17.18 -1.11 24.04
C ASN A 36 16.53 -0.33 22.90
N GLY A 37 16.48 0.99 22.98
CA GLY A 37 15.88 1.78 21.88
C GLY A 37 14.37 1.69 21.77
N ARG A 38 13.68 1.15 22.78
CA ARG A 38 12.23 0.90 22.70
C ARG A 38 11.45 1.74 23.71
N ASN A 39 10.19 1.93 23.39
CA ASN A 39 9.23 2.57 24.33
C ASN A 39 9.59 4.03 24.56
N ILE A 40 9.96 4.73 23.50
CA ILE A 40 10.48 6.11 23.62
C ILE A 40 9.38 7.09 23.29
N SER A 41 9.12 8.01 24.22
CA SER A 41 8.09 9.04 24.09
C SER A 41 8.75 10.40 23.85
N VAL A 42 7.97 11.41 23.46
CA VAL A 42 8.49 12.78 23.31
C VAL A 42 9.00 13.32 24.63
N PRO A 43 8.31 13.18 25.76
CA PRO A 43 8.90 13.65 27.01
C PRO A 43 10.27 13.02 27.29
N MET A 44 10.43 11.75 26.96
CA MET A 44 11.72 11.11 27.17
C MET A 44 12.80 11.78 26.31
N ILE A 45 12.47 12.03 25.07
CA ILE A 45 13.41 12.66 24.10
C ILE A 45 13.77 14.06 24.63
N VAL A 46 12.78 14.82 25.07
CA VAL A 46 13.00 16.20 25.58
C VAL A 46 14.01 16.13 26.71
N LYS A 47 13.81 15.23 27.66
CA LYS A 47 14.70 15.17 28.83
C LYS A 47 16.08 14.70 28.39
N ALA A 48 16.14 13.66 27.56
CA ALA A 48 17.43 13.10 27.13
C ALA A 48 18.22 14.15 26.37
N GLY A 49 17.60 14.87 25.44
CA GLY A 49 18.31 15.87 24.64
C GLY A 49 18.74 17.08 25.47
N PHE A 50 17.98 17.42 26.51
CA PHE A 50 18.37 18.50 27.43
C PHE A 50 19.60 18.05 28.20
N GLU A 51 19.55 16.85 28.76
CA GLU A 51 20.63 16.36 29.65
C GLU A 51 21.89 16.12 28.80
N GLY A 52 21.77 15.43 27.69
CA GLY A 52 22.93 15.00 26.90
C GLY A 52 23.56 16.17 26.18
N TYR A 53 22.75 17.04 25.58
CA TYR A 53 23.25 18.02 24.58
C TYR A 53 22.96 19.47 24.88
N ASN A 54 22.08 19.76 25.87
CA ASN A 54 21.57 21.11 26.17
C ASN A 54 20.71 21.59 24.99
N VAL A 55 20.02 20.66 24.32
CA VAL A 55 19.01 20.99 23.31
C VAL A 55 17.68 21.19 24.03
N GLN A 56 17.06 22.30 23.76
CA GLN A 56 15.83 22.70 24.46
C GLN A 56 14.58 22.05 23.89
N SER A 57 13.53 22.19 24.68
CA SER A 57 12.26 21.50 24.40
C SER A 57 11.64 21.98 23.10
N ASP A 58 11.78 23.22 22.69
CA ASP A 58 11.11 23.73 21.48
C ASP A 58 11.45 22.84 20.29
N ILE A 59 12.72 22.61 20.05
CA ILE A 59 13.03 21.82 18.84
C ILE A 59 12.71 20.32 19.06
N LEU A 60 12.89 19.77 20.25
CA LEU A 60 12.64 18.33 20.44
C LEU A 60 11.14 18.00 20.44
N ILE A 61 10.32 18.92 20.92
CA ILE A 61 8.85 18.72 20.84
C ILE A 61 8.41 18.76 19.39
N LEU A 62 8.89 19.74 18.64
CA LEU A 62 8.54 19.86 17.21
C LEU A 62 8.97 18.57 16.49
N ALA A 63 10.26 18.20 16.49
CA ALA A 63 10.75 17.02 15.79
C ALA A 63 10.14 15.75 16.37
N GLY A 64 10.08 15.68 17.70
CA GLY A 64 9.65 14.45 18.37
C GLY A 64 8.25 14.05 17.96
N LYS A 65 7.31 15.01 17.92
CA LYS A 65 5.91 14.68 17.58
C LYS A 65 5.78 14.23 16.14
N ILE A 66 6.62 14.78 15.24
CA ILE A 66 6.64 14.28 13.85
C ILE A 66 7.17 12.86 13.85
N GLY A 67 8.24 12.59 14.62
CA GLY A 67 8.76 11.21 14.67
C GLY A 67 7.75 10.21 15.20
N MET A 68 6.87 10.61 16.11
CA MET A 68 5.86 9.70 16.69
C MET A 68 4.92 9.17 15.59
N LEU A 69 4.79 9.91 14.47
CA LEU A 69 3.93 9.45 13.36
C LEU A 69 4.45 8.14 12.80
N THR A 70 5.71 7.82 12.95
CA THR A 70 6.30 6.64 12.27
C THR A 70 5.93 5.33 12.92
N SER A 71 5.29 5.32 14.07
CA SER A 71 4.89 4.05 14.73
C SER A 71 3.35 3.91 14.66
N ARG A 72 2.89 2.72 15.04
CA ARG A 72 1.42 2.45 15.18
C ARG A 72 0.97 2.64 16.63
N GLU A 73 1.85 3.07 17.53
CA GLU A 73 1.55 3.21 18.98
C GLU A 73 1.05 4.63 19.25
N ALA A 74 0.29 4.75 20.33
CA ALA A 74 -0.35 6.02 20.68
C ALA A 74 0.63 7.11 21.00
N ASP A 75 1.76 6.81 21.63
CA ASP A 75 2.63 7.89 22.11
C ASP A 75 4.09 7.48 22.27
N THR A 76 4.49 6.42 21.63
CA THR A 76 5.90 5.98 21.68
C THR A 76 6.32 5.48 20.31
N ILE A 77 7.62 5.40 20.14
CA ILE A 77 8.29 4.69 19.01
C ILE A 77 9.36 3.75 19.53
N SER A 78 9.83 2.86 18.65
CA SER A 78 11.20 2.32 18.75
C SER A 78 12.07 3.17 17.83
N LEU A 79 13.35 3.29 18.15
CA LEU A 79 14.21 4.12 17.30
C LEU A 79 14.18 3.69 15.86
N GLU A 80 14.13 2.37 15.62
CA GLU A 80 14.21 1.88 14.23
C GLU A 80 13.00 2.35 13.42
N ASP A 81 11.86 2.62 14.06
CA ASP A 81 10.65 3.12 13.38
C ASP A 81 10.92 4.39 12.60
N LEU A 82 11.91 5.18 13.04
CA LEU A 82 12.20 6.47 12.41
C LEU A 82 12.81 6.32 11.03
N LYS A 83 13.10 5.08 10.60
CA LYS A 83 13.55 4.87 9.21
C LYS A 83 12.40 4.99 8.20
N LEU A 84 11.15 5.16 8.63
CA LEU A 84 10.01 5.25 7.70
C LEU A 84 10.29 6.35 6.69
N HIS A 85 10.37 5.96 5.43
CA HIS A 85 10.76 6.91 4.38
C HIS A 85 9.66 7.93 4.18
N GLY A 86 10.04 9.19 4.14
CA GLY A 86 9.14 10.28 3.78
C GLY A 86 8.39 10.86 4.95
N THR A 87 8.60 10.42 6.21
CA THR A 87 8.12 11.21 7.38
C THR A 87 9.21 12.23 7.66
N ILE A 88 10.24 11.83 8.38
CA ILE A 88 11.48 12.62 8.48
C ILE A 88 12.56 12.02 7.57
N GLU A 89 12.74 10.71 7.56
CA GLU A 89 13.82 10.05 6.82
C GLU A 89 13.72 10.49 5.36
N HIS A 90 14.86 10.80 4.77
CA HIS A 90 14.94 11.41 3.42
C HIS A 90 16.15 10.84 2.67
N ASP A 91 16.08 10.99 1.36
CA ASP A 91 17.26 10.79 0.51
C ASP A 91 18.32 11.84 0.77
N ALA A 92 19.53 11.55 0.31
CA ALA A 92 20.68 12.47 0.39
C ALA A 92 21.00 12.71 1.86
N SER A 93 21.03 11.64 2.63
CA SER A 93 21.58 11.64 3.99
C SER A 93 23.10 11.79 3.97
N LEU A 94 23.65 12.21 5.10
CA LEU A 94 25.12 12.38 5.26
C LEU A 94 25.80 11.04 5.44
N SER A 95 25.14 10.04 6.02
CA SER A 95 25.80 8.82 6.47
C SER A 95 25.02 7.56 6.16
N ARG A 96 23.89 7.66 5.47
CA ARG A 96 23.04 6.51 5.14
C ARG A 96 22.81 6.55 3.63
N GLU A 97 22.41 5.39 3.06
CA GLU A 97 22.04 5.28 1.65
C GLU A 97 20.59 5.66 1.46
N ASP A 98 20.19 6.06 0.27
CA ASP A 98 18.79 6.27 -0.10
C ASP A 98 18.03 4.94 -0.09
N VAL A 99 16.83 4.92 0.46
CA VAL A 99 16.06 3.66 0.62
C VAL A 99 15.81 2.96 -0.73
N ALA A 100 15.66 3.70 -1.83
CA ALA A 100 15.30 3.05 -3.12
C ALA A 100 16.51 2.28 -3.66
N ILE A 101 17.73 2.58 -3.22
CA ILE A 101 18.97 1.98 -3.79
C ILE A 101 19.88 1.39 -2.74
N GLY A 102 19.45 1.31 -1.47
CA GLY A 102 20.31 0.80 -0.40
C GLY A 102 19.65 0.84 0.96
N ASP A 103 20.50 0.85 1.97
CA ASP A 103 20.11 0.74 3.39
C ASP A 103 19.95 2.17 3.92
N ASN A 104 18.73 2.57 4.27
CA ASN A 104 18.47 3.94 4.77
C ASN A 104 18.58 4.03 6.30
N LEU A 105 19.07 2.99 6.95
CA LEU A 105 18.99 2.86 8.43
C LEU A 105 20.37 2.97 9.08
N HIS A 106 21.35 2.18 8.63
CA HIS A 106 22.66 2.05 9.28
C HIS A 106 23.71 3.04 8.78
N PHE A 107 24.60 3.39 9.68
CA PHE A 107 25.80 4.15 9.29
C PHE A 107 26.56 3.40 8.18
N ASN A 108 26.94 4.14 7.17
CA ASN A 108 27.63 3.60 5.96
C ASN A 108 28.90 4.41 5.77
N GLU A 109 30.09 3.87 6.03
CA GLU A 109 31.33 4.67 5.89
C GLU A 109 31.54 5.14 4.45
N ALA A 110 31.19 4.34 3.45
CA ALA A 110 31.36 4.80 2.05
C ALA A 110 30.60 6.11 1.82
N ILE A 111 29.34 6.19 2.25
CA ILE A 111 28.54 7.41 2.07
C ILE A 111 29.21 8.53 2.87
N PHE A 112 29.67 8.21 4.08
CA PHE A 112 30.27 9.18 5.01
C PHE A 112 31.59 9.74 4.48
N THR A 113 32.18 9.13 3.45
CA THR A 113 33.43 9.67 2.86
C THR A 113 33.27 11.13 2.47
N THR A 114 32.12 11.55 1.98
CA THR A 114 31.96 12.96 1.53
C THR A 114 32.13 13.89 2.71
N LEU A 115 31.34 13.69 3.78
CA LEU A 115 31.46 14.56 4.97
C LEU A 115 32.86 14.44 5.57
N ALA A 116 33.39 13.22 5.73
CA ALA A 116 34.66 13.01 6.43
C ALA A 116 35.79 13.79 5.76
N ASN A 117 35.71 13.99 4.44
CA ASN A 117 36.82 14.62 3.69
C ASN A 117 36.49 16.06 3.35
N SER A 118 35.47 16.63 3.97
CA SER A 118 35.02 18.00 3.73
C SER A 118 35.81 18.99 4.58
N ASN A 119 35.63 20.26 4.22
CA ASN A 119 36.39 21.38 4.80
C ASN A 119 37.87 21.00 4.83
N PRO A 120 38.46 20.72 3.67
CA PRO A 120 39.88 20.39 3.65
C PRO A 120 40.72 21.55 4.17
N GLY A 121 41.69 21.16 5.00
CA GLY A 121 42.70 22.08 5.52
C GLY A 121 42.35 22.63 6.88
N ALA A 122 41.21 22.25 7.45
CA ALA A 122 40.70 22.76 8.74
C ALA A 122 40.52 21.57 9.65
N ASP A 123 40.45 21.82 10.95
CA ASP A 123 40.20 20.74 11.92
C ASP A 123 38.76 20.80 12.44
N VAL A 124 37.94 21.55 11.73
CA VAL A 124 36.50 21.66 12.05
C VAL A 124 35.71 21.45 10.78
N TYR A 125 34.47 21.01 10.93
CA TYR A 125 33.43 21.15 9.92
C TYR A 125 32.70 22.46 10.24
N ASN A 126 32.23 23.13 9.23
CA ASN A 126 31.61 24.44 9.47
C ASN A 126 30.36 24.57 8.58
N ILE A 127 29.73 25.72 8.69
CA ILE A 127 28.51 26.01 7.91
C ILE A 127 28.81 25.87 6.42
N SER A 128 29.89 26.46 5.96
CA SER A 128 30.25 26.40 4.52
C SER A 128 30.50 24.96 4.05
N SER A 129 31.22 24.20 4.82
CA SER A 129 31.55 22.82 4.40
C SER A 129 30.29 21.98 4.48
N ALA A 130 29.45 22.18 5.48
CA ALA A 130 28.20 21.40 5.59
C ALA A 130 27.33 21.69 4.37
N ALA A 131 27.26 22.93 3.92
CA ALA A 131 26.49 23.34 2.74
C ALA A 131 27.01 22.59 1.53
N GLN A 132 28.31 22.56 1.36
CA GLN A 132 28.94 21.91 0.20
C GLN A 132 28.64 20.42 0.24
N VAL A 133 28.73 19.80 1.41
CA VAL A 133 28.42 18.37 1.53
C VAL A 133 26.96 18.14 1.17
N GLN A 134 26.05 18.99 1.63
CA GLN A 134 24.61 18.81 1.29
C GLN A 134 24.43 18.89 -0.24
N HIS A 135 25.12 19.83 -0.88
CA HIS A 135 25.01 19.96 -2.34
C HIS A 135 25.48 18.64 -2.98
N ASP A 136 26.61 18.15 -2.57
CA ASP A 136 27.24 16.98 -3.21
C ASP A 136 26.43 15.73 -2.94
N ARG A 137 25.87 15.57 -1.75
CA ARG A 137 25.08 14.38 -1.43
C ARG A 137 23.78 14.40 -2.25
N LEU A 138 23.14 15.55 -2.33
CA LEU A 138 21.90 15.67 -3.13
C LEU A 138 22.23 15.41 -4.62
N ALA A 139 23.36 15.89 -5.11
CA ALA A 139 23.75 15.66 -6.52
C ALA A 139 23.93 14.16 -6.76
N ASP A 140 24.50 13.46 -5.79
CA ASP A 140 24.64 11.99 -5.87
C ASP A 140 23.28 11.33 -6.01
N SER A 141 22.30 11.70 -5.15
CA SER A 141 20.94 11.13 -5.20
C SER A 141 20.28 11.48 -6.53
N LEU A 142 20.38 12.72 -6.98
CA LEU A 142 19.79 13.10 -8.29
C LEU A 142 20.41 12.29 -9.43
N ALA A 143 21.64 11.85 -9.31
CA ALA A 143 22.35 11.10 -10.38
C ALA A 143 21.98 9.63 -10.32
N ARG A 144 21.81 9.03 -9.13
CA ARG A 144 21.85 7.55 -9.00
C ARG A 144 20.51 6.99 -8.54
N ASN A 145 19.61 7.80 -8.00
CA ASN A 145 18.39 7.24 -7.39
C ASN A 145 17.19 7.59 -8.24
N PRO A 146 16.64 6.62 -9.04
CA PRO A 146 15.54 6.95 -9.96
C PRO A 146 14.24 7.33 -9.26
N ASN A 147 14.19 7.14 -7.93
CA ASN A 147 13.02 7.48 -7.09
C ASN A 147 13.32 8.61 -6.10
N VAL A 148 14.33 9.40 -6.39
CA VAL A 148 14.81 10.49 -5.51
C VAL A 148 13.66 11.46 -5.19
N THR A 149 13.57 11.94 -3.96
CA THR A 149 12.64 13.00 -3.53
C THR A 149 13.45 14.15 -2.98
N ASN A 150 13.23 15.33 -3.51
CA ASN A 150 13.97 16.53 -3.13
C ASN A 150 12.99 17.67 -3.12
N THR A 151 12.57 18.11 -1.96
CA THR A 151 11.58 19.18 -1.77
C THR A 151 12.13 20.27 -0.87
N ASP A 152 11.45 21.41 -0.80
CA ASP A 152 11.84 22.49 0.13
C ASP A 152 11.87 21.92 1.55
N LEU A 153 10.93 21.04 1.87
CA LEU A 153 10.87 20.38 3.20
C LEU A 153 12.09 19.48 3.42
N THR A 154 12.39 18.55 2.51
CA THR A 154 13.59 17.69 2.72
C THR A 154 14.84 18.55 2.81
N ALA A 155 14.96 19.60 2.01
CA ALA A 155 16.15 20.47 2.05
C ALA A 155 16.27 21.17 3.42
N THR A 156 15.14 21.58 3.97
CA THR A 156 15.15 22.28 5.26
C THR A 156 15.48 21.29 6.36
N ILE A 157 14.98 20.06 6.29
CA ILE A 157 15.29 19.03 7.29
C ILE A 157 16.79 18.74 7.23
N ARG A 158 17.32 18.63 6.02
CA ARG A 158 18.77 18.30 5.87
C ARG A 158 19.63 19.42 6.45
N SER A 159 19.31 20.68 6.21
CA SER A 159 20.02 21.81 6.81
C SER A 159 19.88 21.78 8.34
N SER A 160 18.70 21.41 8.83
CA SER A 160 18.47 21.32 10.29
C SER A 160 19.40 20.29 10.90
N GLU A 161 19.55 19.15 10.25
CA GLU A 161 20.36 18.04 10.76
C GLU A 161 21.83 18.46 10.73
N SER A 162 22.27 19.17 9.70
CA SER A 162 23.66 19.68 9.69
C SER A 162 23.83 20.68 10.83
N ALA A 163 22.87 21.57 11.01
CA ALA A 163 22.93 22.54 12.13
C ALA A 163 22.97 21.79 13.47
N PHE A 164 22.24 20.70 13.62
CA PHE A 164 22.26 19.91 14.88
C PHE A 164 23.68 19.43 15.13
N PHE A 165 24.34 18.75 14.20
CA PHE A 165 25.67 18.21 14.53
C PHE A 165 26.67 19.36 14.74
N LEU A 166 26.57 20.48 14.01
CA LEU A 166 27.55 21.57 14.19
C LEU A 166 27.39 22.18 15.58
N THR A 167 26.16 22.27 16.08
CA THR A 167 25.89 22.93 17.39
C THR A 167 26.17 21.94 18.52
N VAL A 168 25.62 20.74 18.45
CA VAL A 168 25.70 19.82 19.61
C VAL A 168 27.14 19.35 19.82
N MET A 169 27.90 19.17 18.73
CA MET A 169 29.30 18.65 18.80
C MET A 169 30.29 19.81 18.75
N SER A 170 29.90 21.01 19.09
CA SER A 170 30.81 22.17 19.05
C SER A 170 31.84 22.05 20.19
N ALA A 171 32.84 22.94 20.10
CA ALA A 171 33.92 23.04 21.11
C ALA A 171 33.48 23.93 22.25
N GLY A 172 32.21 24.32 22.28
CA GLY A 172 31.50 24.73 23.52
C GLY A 172 30.66 25.95 23.28
N ASP A 173 30.91 26.70 22.18
CA ASP A 173 30.02 27.82 21.77
C ASP A 173 29.27 27.43 20.50
N PRO A 174 28.02 26.95 20.64
CA PRO A 174 27.31 26.48 19.45
C PRO A 174 26.98 27.55 18.42
N LEU A 175 27.00 28.82 18.80
CA LEU A 175 26.75 29.92 17.84
C LEU A 175 27.82 29.98 16.77
N ARG A 176 29.00 29.44 17.03
CA ARG A 176 30.16 29.60 16.10
C ARG A 176 29.82 28.95 14.76
N GLY A 177 28.97 27.93 14.70
CA GLY A 177 28.67 27.20 13.46
C GLY A 177 29.90 26.42 13.00
N GLU A 178 30.62 25.83 13.93
CA GLU A 178 31.70 24.90 13.55
C GLU A 178 31.83 23.86 14.65
N ALA A 179 32.27 22.65 14.30
CA ALA A 179 32.45 21.57 15.28
C ALA A 179 33.75 20.85 14.93
N PRO A 180 34.58 20.50 15.91
CA PRO A 180 35.80 19.75 15.61
C PRO A 180 35.47 18.47 14.86
N LYS A 181 36.28 18.17 13.84
CA LYS A 181 36.12 16.92 13.08
C LYS A 181 36.27 15.73 14.01
N LYS A 182 37.22 15.80 14.94
CA LYS A 182 37.53 14.66 15.83
C LYS A 182 36.28 14.32 16.68
N PHE A 183 35.40 15.30 16.95
CA PHE A 183 34.15 15.04 17.70
C PHE A 183 33.04 14.52 16.77
N VAL A 184 32.87 15.18 15.63
CA VAL A 184 31.78 14.83 14.71
C VAL A 184 32.02 13.43 14.16
N ASN A 185 33.28 13.09 13.87
CA ASN A 185 33.53 11.76 13.30
C ASN A 185 33.17 10.66 14.30
N VAL A 186 33.46 10.85 15.58
CA VAL A 186 33.07 9.86 16.61
C VAL A 186 31.54 9.78 16.71
N PHE A 187 30.94 10.95 16.74
CA PHE A 187 29.46 11.02 16.82
C PHE A 187 28.84 10.14 15.74
N PHE A 188 29.24 10.28 14.48
CA PHE A 188 28.66 9.52 13.37
C PHE A 188 29.13 8.06 13.42
N ARG A 189 30.44 7.84 13.49
CA ARG A 189 31.01 6.49 13.30
C ARG A 189 30.69 5.55 14.45
N GLU A 190 30.59 6.08 15.66
CA GLU A 190 30.45 5.29 16.90
C GLU A 190 29.14 5.61 17.61
N GLU A 191 28.47 6.70 17.26
CA GLU A 191 27.24 7.14 17.99
C GLU A 191 27.60 7.11 19.49
N ARG A 192 28.61 7.90 19.79
CA ARG A 192 29.27 8.07 21.10
C ARG A 192 29.50 9.56 21.34
N MET A 193 29.28 10.01 22.56
CA MET A 193 29.70 11.35 22.97
C MET A 193 31.23 11.33 23.14
N PRO A 194 31.97 12.20 22.43
CA PRO A 194 33.43 12.12 22.47
C PRO A 194 34.09 12.71 23.72
N ILE A 195 33.68 12.19 24.87
CA ILE A 195 34.15 12.67 26.21
C ILE A 195 35.67 12.48 26.37
N LYS A 196 36.20 11.29 26.08
CA LYS A 196 37.67 11.14 26.26
C LYS A 196 38.41 12.05 25.27
N GLU A 197 37.82 12.41 24.12
CA GLU A 197 38.42 13.29 23.07
C GLU A 197 38.38 14.77 23.51
N GLY A 198 37.65 15.11 24.57
CA GLY A 198 37.55 16.45 25.16
C GLY A 198 36.22 17.16 24.93
N TRP A 199 35.21 16.48 24.37
CA TRP A 199 33.90 17.14 24.12
C TRP A 199 33.21 17.34 25.45
N LYS A 200 32.50 18.45 25.59
CA LYS A 200 31.60 18.70 26.75
C LYS A 200 30.26 19.20 26.20
N ARG A 201 29.21 18.88 26.94
CA ARG A 201 27.87 19.40 26.70
C ARG A 201 27.93 20.91 26.55
N SER A 202 27.22 21.45 25.57
CA SER A 202 27.10 22.90 25.37
C SER A 202 26.66 23.59 26.66
N THR A 203 27.27 24.72 27.03
CA THR A 203 26.73 25.48 28.18
C THR A 203 25.75 26.53 27.68
N THR A 204 25.58 26.64 26.35
CA THR A 204 24.57 27.55 25.76
C THR A 204 23.37 26.71 25.32
N PRO A 205 22.15 27.03 25.74
CA PRO A 205 20.99 26.27 25.30
C PRO A 205 20.83 26.34 23.77
N ILE A 206 20.59 25.21 23.15
CA ILE A 206 20.38 25.12 21.70
C ILE A 206 18.85 25.12 21.47
N THR A 207 18.37 26.15 20.80
CA THR A 207 16.94 26.46 20.66
C THR A 207 16.61 26.65 19.17
N ILE A 208 15.34 26.83 18.85
CA ILE A 208 14.93 27.14 17.47
C ILE A 208 15.49 28.49 17.08
N PRO A 209 15.38 29.57 17.87
CA PRO A 209 16.02 30.82 17.46
C PRO A 209 17.53 30.71 17.27
N LEU A 210 18.24 29.91 18.07
CA LEU A 210 19.70 29.74 17.85
C LEU A 210 19.92 29.08 16.49
N LEU A 211 19.18 28.01 16.22
CA LEU A 211 19.44 27.21 15.01
C LEU A 211 18.99 27.95 13.77
N GLY A 212 17.93 28.77 13.80
CA GLY A 212 17.29 29.25 12.57
C GLY A 212 18.30 29.90 11.63
N PRO A 213 19.11 30.89 12.08
CA PRO A 213 20.04 31.56 11.17
C PRO A 213 21.11 30.63 10.61
N ILE A 214 21.52 29.63 11.37
CA ILE A 214 22.51 28.65 10.88
C ILE A 214 21.88 27.86 9.73
N ILE A 215 20.67 27.35 9.96
CA ILE A 215 19.94 26.56 8.94
C ILE A 215 19.81 27.39 7.66
N GLU A 216 19.40 28.66 7.78
CA GLU A 216 19.17 29.51 6.59
C GLU A 216 20.51 29.72 5.87
N ARG A 217 21.60 29.90 6.61
CA ARG A 217 22.95 30.11 6.02
C ARG A 217 23.39 28.85 5.29
N ILE A 218 23.25 27.67 5.90
CA ILE A 218 23.59 26.40 5.20
C ILE A 218 22.77 26.29 3.92
N THR A 219 21.47 26.55 4.00
CA THR A 219 20.62 26.41 2.80
C THR A 219 21.13 27.34 1.69
N GLU A 220 21.40 28.58 1.99
CA GLU A 220 21.78 29.52 0.91
C GLU A 220 23.14 29.08 0.35
N LEU A 221 24.07 28.65 1.17
CA LEU A 221 25.41 28.27 0.66
C LEU A 221 25.35 26.96 -0.14
N SER A 222 24.32 26.14 0.06
CA SER A 222 24.25 24.82 -0.60
C SER A 222 23.80 24.95 -2.05
N ASP A 223 23.42 26.14 -2.51
CA ASP A 223 22.94 26.42 -3.89
C ASP A 223 21.74 25.52 -4.21
N TRP A 224 20.87 25.26 -3.24
CA TRP A 224 19.71 24.38 -3.44
C TRP A 224 18.72 25.03 -4.41
N LYS A 225 18.12 24.22 -5.26
CA LYS A 225 16.98 24.65 -6.12
C LYS A 225 15.97 23.52 -6.21
N PRO A 226 14.69 23.86 -6.44
CA PRO A 226 13.68 22.85 -6.70
C PRO A 226 14.02 22.10 -7.97
N THR A 227 13.69 20.81 -7.99
CA THR A 227 14.00 19.87 -9.08
C THR A 227 12.76 19.17 -9.60
N GLY A 228 11.63 19.27 -8.93
CA GLY A 228 10.51 18.43 -9.37
C GLY A 228 9.33 18.70 -8.49
N ASP A 229 8.69 17.64 -8.06
CA ASP A 229 7.64 17.71 -7.01
C ASP A 229 8.31 18.44 -5.84
N ASN A 230 7.82 19.63 -5.53
CA ASN A 230 8.33 20.51 -4.45
C ASN A 230 7.32 20.56 -3.28
N CYS A 231 6.31 19.72 -3.34
CA CYS A 231 5.26 19.61 -2.29
C CYS A 231 5.87 19.02 -1.01
N GLY A 232 5.77 19.77 0.09
CA GLY A 232 6.25 19.30 1.41
C GLY A 232 5.34 18.28 2.07
N ALA A 233 4.78 17.32 1.33
CA ALA A 233 3.88 16.30 1.92
C ALA A 233 4.72 15.33 2.70
N ILE A 234 4.32 15.01 3.91
CA ILE A 234 4.95 13.92 4.69
C ILE A 234 4.04 12.70 4.72
N VAL A 235 4.67 11.57 4.94
CA VAL A 235 4.01 10.30 5.27
C VAL A 235 3.48 10.44 6.71
N LEU A 236 2.17 10.32 6.91
CA LEU A 236 1.53 10.63 8.20
C LEU A 236 1.39 9.40 9.09
N SER A 237 1.67 8.23 8.60
CA SER A 237 1.51 6.96 9.33
C SER A 237 2.17 5.83 8.56
N PRO A 238 2.59 4.77 9.24
CA PRO A 238 2.97 3.56 8.53
C PRO A 238 1.68 2.98 7.94
N GLU A 239 1.81 2.02 7.04
CA GLU A 239 0.71 1.53 6.14
C GLU A 239 -0.58 1.27 6.95
N VAL B 2 -19.79 1.42 30.43
CA VAL B 2 -19.97 2.89 30.22
C VAL B 2 -21.24 3.32 31.00
N ASP B 3 -21.10 4.08 32.09
CA ASP B 3 -22.29 4.67 32.79
C ASP B 3 -22.50 6.10 32.30
N PHE B 4 -23.43 6.31 31.36
CA PHE B 4 -23.59 7.67 30.77
C PHE B 4 -24.16 8.63 31.81
N SER B 5 -24.90 8.16 32.81
CA SER B 5 -25.43 9.09 33.83
C SER B 5 -24.29 9.69 34.66
N ALA B 6 -23.10 9.08 34.69
CA ALA B 6 -21.92 9.61 35.39
C ALA B 6 -21.11 10.58 34.49
N HIS B 7 -21.62 10.84 33.30
CA HIS B 7 -21.00 11.75 32.29
C HIS B 7 -22.02 12.78 31.84
N PRO B 8 -22.55 13.61 32.77
CA PRO B 8 -23.53 14.61 32.38
C PRO B 8 -22.90 15.72 31.52
N TRP B 9 -23.68 16.24 30.60
CA TRP B 9 -23.26 17.42 29.82
C TRP B 9 -23.10 18.61 30.75
N LYS B 10 -22.07 19.40 30.54
CA LYS B 10 -21.92 20.70 31.21
C LYS B 10 -21.43 21.70 30.18
N ALA B 11 -21.95 22.91 30.17
CA ALA B 11 -21.52 23.93 29.20
C ALA B 11 -20.08 24.31 29.52
N PRO B 12 -19.24 24.57 28.50
CA PRO B 12 -17.89 25.06 28.76
C PRO B 12 -17.92 26.49 29.30
N GLY B 13 -17.08 26.78 30.27
CA GLY B 13 -16.89 28.16 30.77
C GLY B 13 -15.52 28.70 30.36
N PRO B 14 -15.02 29.84 30.90
CA PRO B 14 -13.79 30.42 30.36
C PRO B 14 -12.49 29.68 30.69
N ASN B 15 -12.55 28.71 31.61
CA ASN B 15 -11.43 27.82 31.96
C ASN B 15 -11.39 26.63 31.00
N ASP B 16 -12.39 26.52 30.10
CA ASP B 16 -12.55 25.34 29.21
C ASP B 16 -12.16 25.67 27.77
N SER B 17 -11.14 24.98 27.30
CA SER B 17 -10.68 25.09 25.91
C SER B 17 -11.58 24.24 25.00
N ARG B 18 -12.01 24.80 23.88
CA ARG B 18 -12.80 24.04 22.89
C ARG B 18 -12.22 24.38 21.52
N GLY B 19 -12.36 23.45 20.59
CA GLY B 19 -11.77 23.53 19.26
C GLY B 19 -12.81 23.45 18.16
N PRO B 20 -12.33 23.22 16.94
CA PRO B 20 -13.19 23.20 15.75
C PRO B 20 -13.85 21.82 15.55
N CYS B 21 -13.60 20.85 16.44
CA CYS B 21 -14.06 19.47 16.27
C CYS B 21 -15.26 19.27 17.19
N PRO B 22 -16.47 19.03 16.66
CA PRO B 22 -17.60 18.72 17.53
C PRO B 22 -17.42 17.39 18.24
N GLY B 23 -16.70 16.43 17.62
CA GLY B 23 -16.50 15.12 18.27
C GLY B 23 -15.76 15.23 19.59
N LEU B 24 -14.61 15.89 19.57
CA LEU B 24 -13.80 16.04 20.80
C LEU B 24 -14.48 17.02 21.75
N ASN B 25 -15.10 18.08 21.23
CA ASN B 25 -15.74 19.08 22.14
C ASN B 25 -16.87 18.39 22.91
N THR B 26 -17.63 17.53 22.24
CA THR B 26 -18.74 16.83 22.90
C THR B 26 -18.21 15.86 23.96
N LEU B 27 -17.13 15.14 23.65
CA LEU B 27 -16.50 14.28 24.69
C LEU B 27 -16.07 15.11 25.90
N ALA B 28 -15.50 16.29 25.71
CA ALA B 28 -15.08 17.15 26.83
C ALA B 28 -16.33 17.66 27.58
N ASN B 29 -17.38 17.98 26.86
CA ASN B 29 -18.59 18.56 27.53
C ASN B 29 -19.20 17.48 28.42
N HIS B 30 -18.97 16.21 28.16
CA HIS B 30 -19.47 15.11 29.01
C HIS B 30 -18.44 14.55 29.99
N GLY B 31 -17.21 15.08 29.98
CA GLY B 31 -16.17 14.61 30.87
C GLY B 31 -15.58 13.28 30.48
N PHE B 32 -15.83 12.80 29.27
CA PHE B 32 -15.04 11.65 28.76
C PHE B 32 -13.62 12.07 28.46
N LEU B 33 -13.46 13.29 27.98
CA LEU B 33 -12.15 14.01 27.98
C LEU B 33 -12.24 14.97 29.14
N PRO B 34 -11.10 15.51 29.60
CA PRO B 34 -11.13 16.57 30.60
C PRO B 34 -12.07 17.69 30.19
N ARG B 35 -12.94 18.08 31.14
CA ARG B 35 -13.90 19.14 30.89
C ARG B 35 -13.22 20.45 30.56
N ASN B 36 -12.00 20.68 31.05
CA ASN B 36 -11.35 21.94 30.74
C ASN B 36 -10.71 21.93 29.35
N GLY B 37 -10.76 20.80 28.64
CA GLY B 37 -10.25 20.75 27.26
C GLY B 37 -8.74 20.88 27.18
N ARG B 38 -8.03 20.69 28.28
CA ARG B 38 -6.56 20.83 28.36
C ARG B 38 -5.90 19.50 28.70
N ASN B 39 -4.59 19.45 28.42
CA ASN B 39 -3.76 18.31 28.84
C ASN B 39 -4.28 17.03 28.20
N ILE B 40 -4.73 17.13 26.95
CA ILE B 40 -5.32 15.96 26.25
C ILE B 40 -4.24 15.24 25.43
N SER B 41 -4.04 13.99 25.77
CA SER B 41 -3.04 13.11 25.13
C SER B 41 -3.74 12.21 24.13
N VAL B 42 -2.97 11.54 23.27
CA VAL B 42 -3.57 10.53 22.36
C VAL B 42 -4.20 9.40 23.14
N PRO B 43 -3.55 8.85 24.19
CA PRO B 43 -4.19 7.76 24.94
C PRO B 43 -5.51 8.24 25.52
N MET B 44 -5.62 9.48 25.96
CA MET B 44 -6.90 9.99 26.53
C MET B 44 -7.93 10.03 25.41
N ILE B 45 -7.57 10.50 24.21
CA ILE B 45 -8.52 10.51 23.08
C ILE B 45 -8.97 9.08 22.76
N VAL B 46 -8.05 8.14 22.71
CA VAL B 46 -8.41 6.73 22.36
C VAL B 46 -9.45 6.26 23.39
N LYS B 47 -9.20 6.46 24.67
CA LYS B 47 -10.11 5.94 25.71
C LYS B 47 -11.44 6.66 25.60
N ALA B 48 -11.42 7.99 25.45
CA ALA B 48 -12.66 8.79 25.43
C ALA B 48 -13.51 8.41 24.20
N GLY B 49 -12.89 8.23 23.05
CA GLY B 49 -13.62 7.85 21.83
C GLY B 49 -14.21 6.47 21.94
N PHE B 50 -13.54 5.55 22.59
CA PHE B 50 -14.07 4.20 22.81
C PHE B 50 -15.28 4.32 23.76
N GLU B 51 -15.08 4.98 24.90
CA GLU B 51 -16.14 5.02 25.93
C GLU B 51 -17.35 5.80 25.42
N GLY B 52 -17.17 6.97 24.82
CA GLY B 52 -18.29 7.78 24.39
C GLY B 52 -19.00 7.29 23.15
N TYR B 53 -18.25 6.78 22.16
CA TYR B 53 -18.75 6.61 20.79
C TYR B 53 -18.51 5.21 20.21
N ASN B 54 -17.76 4.38 20.92
CA ASN B 54 -17.33 3.08 20.40
C ASN B 54 -16.50 3.30 19.12
N VAL B 55 -15.69 4.35 19.07
CA VAL B 55 -14.70 4.54 18.00
C VAL B 55 -13.41 3.89 18.44
N GLN B 56 -12.83 3.10 17.55
CA GLN B 56 -11.69 2.24 17.91
C GLN B 56 -10.34 2.95 17.74
N SER B 57 -9.30 2.31 18.23
CA SER B 57 -8.02 3.00 18.40
C SER B 57 -7.30 3.26 17.07
N ASP B 58 -7.56 2.47 16.01
CA ASP B 58 -6.87 2.62 14.72
C ASP B 58 -7.02 4.07 14.21
N ILE B 59 -8.25 4.56 14.15
CA ILE B 59 -8.47 5.93 13.63
C ILE B 59 -8.01 6.96 14.66
N LEU B 60 -8.20 6.71 15.97
CA LEU B 60 -7.93 7.77 16.96
C LEU B 60 -6.42 7.91 17.18
N ILE B 61 -5.63 6.86 17.03
CA ILE B 61 -4.15 7.02 17.12
C ILE B 61 -3.68 7.81 15.90
N LEU B 62 -4.16 7.43 14.72
CA LEU B 62 -3.71 8.06 13.45
C LEU B 62 -4.06 9.54 13.53
N ALA B 63 -5.33 9.88 13.75
CA ALA B 63 -5.74 11.29 13.77
C ALA B 63 -5.15 12.01 14.99
N GLY B 64 -5.15 11.34 16.13
CA GLY B 64 -4.69 11.94 17.40
C GLY B 64 -3.24 12.43 17.27
N LYS B 65 -2.35 11.61 16.72
CA LYS B 65 -0.92 11.98 16.60
C LYS B 65 -0.77 13.14 15.63
N ILE B 66 -1.58 13.21 14.58
CA ILE B 66 -1.56 14.38 13.69
C ILE B 66 -2.04 15.62 14.45
N GLY B 67 -3.11 15.49 15.25
CA GLY B 67 -3.59 16.64 16.04
C GLY B 67 -2.58 17.13 17.06
N MET B 68 -1.76 16.24 17.61
CA MET B 68 -0.75 16.65 18.61
C MET B 68 0.22 17.67 18.01
N LEU B 69 0.39 17.65 16.68
CA LEU B 69 1.35 18.59 16.03
C LEU B 69 0.91 20.02 16.24
N THR B 70 -0.37 20.25 16.53
CA THR B 70 -0.90 21.64 16.60
C THR B 70 -0.51 22.35 17.87
N SER B 71 -0.07 21.66 18.91
CA SER B 71 0.26 22.33 20.19
C SER B 71 1.77 22.61 20.29
N ARG B 72 2.15 23.31 21.35
CA ARG B 72 3.55 23.52 21.73
C ARG B 72 4.00 22.55 22.80
N GLU B 73 3.20 21.57 23.20
CA GLU B 73 3.52 20.71 24.31
C GLU B 73 3.98 19.34 23.80
N ALA B 74 4.66 18.60 24.65
CA ALA B 74 5.36 17.36 24.25
C ALA B 74 4.39 16.25 23.82
N ASP B 75 3.25 16.09 24.50
CA ASP B 75 2.38 14.90 24.26
C ASP B 75 0.92 15.20 24.57
N THR B 76 0.58 16.46 24.60
CA THR B 76 -0.81 16.89 24.85
C THR B 76 -1.17 18.08 23.97
N ILE B 77 -2.48 18.30 23.82
CA ILE B 77 -3.03 19.54 23.25
C ILE B 77 -4.01 20.16 24.23
N SER B 78 -4.30 21.41 23.99
CA SER B 78 -5.60 21.99 24.37
C SER B 78 -6.49 21.88 23.14
N LEU B 79 -7.80 21.68 23.31
CA LEU B 79 -8.65 21.47 22.11
C LEU B 79 -8.58 22.67 21.19
N GLU B 80 -8.49 23.90 21.72
CA GLU B 80 -8.45 25.07 20.80
C GLU B 80 -7.26 25.02 19.85
N ASP B 81 -6.18 24.36 20.24
CA ASP B 81 -4.96 24.27 19.39
C ASP B 81 -5.31 23.67 18.03
N LEU B 82 -6.31 22.80 17.97
CA LEU B 82 -6.69 22.10 16.73
C LEU B 82 -7.24 23.07 15.68
N LYS B 83 -7.50 24.35 16.03
CA LYS B 83 -7.86 25.33 15.00
C LYS B 83 -6.70 25.69 14.07
N LEU B 84 -5.51 25.18 14.32
CA LEU B 84 -4.31 25.53 13.51
C LEU B 84 -4.61 25.22 12.04
N HIS B 85 -4.68 26.25 11.21
CA HIS B 85 -5.07 26.07 9.80
C HIS B 85 -4.05 25.24 9.05
N GLY B 86 -4.49 24.19 8.38
CA GLY B 86 -3.62 23.44 7.47
C GLY B 86 -2.90 22.29 8.13
N THR B 87 -3.18 21.96 9.39
CA THR B 87 -2.77 20.66 9.93
C THR B 87 -3.90 19.67 9.63
N ILE B 88 -4.95 19.71 10.42
CA ILE B 88 -6.26 19.07 10.07
C ILE B 88 -7.26 20.14 9.65
N GLU B 89 -7.34 21.24 10.40
CA GLU B 89 -8.37 22.28 10.15
C GLU B 89 -8.25 22.76 8.70
N HIS B 90 -9.39 22.86 8.04
CA HIS B 90 -9.47 23.10 6.58
C HIS B 90 -10.62 24.07 6.26
N ASP B 91 -10.55 24.58 5.04
CA ASP B 91 -11.66 25.37 4.48
C ASP B 91 -12.82 24.44 4.14
N ALA B 92 -13.98 25.02 3.91
CA ALA B 92 -15.21 24.30 3.50
C ALA B 92 -15.59 23.29 4.59
N SER B 93 -15.53 23.77 5.83
CA SER B 93 -16.14 23.09 7.00
C SER B 93 -17.65 23.06 6.88
N LEU B 94 -18.28 22.15 7.62
CA LEU B 94 -19.76 22.02 7.69
C LEU B 94 -20.38 23.05 8.60
N SER B 95 -19.62 23.57 9.57
CA SER B 95 -20.22 24.38 10.65
C SER B 95 -19.34 25.54 11.13
N ARG B 96 -18.18 25.75 10.52
CA ARG B 96 -17.24 26.83 10.82
C ARG B 96 -17.01 27.63 9.54
N GLU B 97 -16.55 28.86 9.68
CA GLU B 97 -16.13 29.70 8.53
C GLU B 97 -14.69 29.38 8.16
N ASP B 98 -14.32 29.71 6.94
CA ASP B 98 -12.91 29.63 6.48
C ASP B 98 -12.07 30.68 7.24
N VAL B 99 -10.85 30.32 7.63
CA VAL B 99 -10.03 31.23 8.47
C VAL B 99 -9.74 32.54 7.72
N ALA B 100 -9.59 32.50 6.40
CA ALA B 100 -9.20 33.73 5.65
C ALA B 100 -10.34 34.74 5.69
N ILE B 101 -11.56 34.31 5.88
CA ILE B 101 -12.75 35.21 5.80
C ILE B 101 -13.65 35.13 7.03
N GLY B 102 -13.20 34.52 8.14
CA GLY B 102 -14.06 34.45 9.31
C GLY B 102 -13.46 33.56 10.36
N ASP B 103 -14.34 33.07 11.21
CA ASP B 103 -13.99 32.37 12.47
C ASP B 103 -13.93 30.89 12.15
N ASN B 104 -12.74 30.27 12.16
CA ASN B 104 -12.58 28.85 11.84
C ASN B 104 -12.70 27.97 13.09
N LEU B 105 -13.11 28.53 14.21
CA LEU B 105 -13.10 27.82 15.51
C LEU B 105 -14.50 27.47 15.98
N HIS B 106 -15.38 28.46 16.08
CA HIS B 106 -16.71 28.34 16.71
C HIS B 106 -17.79 27.81 15.77
N PHE B 107 -18.76 27.11 16.33
CA PHE B 107 -19.96 26.73 15.57
C PHE B 107 -20.62 28.01 15.05
N ASN B 108 -21.07 27.96 13.78
CA ASN B 108 -21.71 29.10 13.06
C ASN B 108 -23.00 28.60 12.40
N GLU B 109 -24.12 29.02 12.92
CA GLU B 109 -25.42 28.54 12.42
C GLU B 109 -25.63 28.96 10.96
N ALA B 110 -25.15 30.13 10.53
CA ALA B 110 -25.31 30.52 9.12
C ALA B 110 -24.58 29.53 8.21
N ILE B 111 -23.38 29.08 8.57
CA ILE B 111 -22.67 28.07 7.78
C ILE B 111 -23.43 26.76 7.80
N PHE B 112 -23.87 26.35 9.00
CA PHE B 112 -24.54 25.07 9.26
C PHE B 112 -25.85 24.94 8.47
N THR B 113 -26.43 26.07 8.05
CA THR B 113 -27.70 26.10 7.26
C THR B 113 -27.65 25.08 6.13
N THR B 114 -26.53 24.93 5.47
CA THR B 114 -26.45 24.06 4.28
C THR B 114 -26.71 22.62 4.74
N LEU B 115 -25.97 22.15 5.75
CA LEU B 115 -26.21 20.80 6.23
C LEU B 115 -27.65 20.70 6.81
N ALA B 116 -28.09 21.68 7.58
CA ALA B 116 -29.39 21.61 8.29
C ALA B 116 -30.55 21.46 7.29
N ASN B 117 -30.39 22.00 6.11
CA ASN B 117 -31.49 22.00 5.10
C ASN B 117 -31.31 20.85 4.14
N SER B 118 -30.32 20.00 4.30
CA SER B 118 -30.03 18.91 3.35
C SER B 118 -31.01 17.74 3.54
N ASN B 119 -31.02 16.82 2.58
CA ASN B 119 -32.01 15.70 2.52
C ASN B 119 -33.40 16.19 2.91
N PRO B 120 -33.98 17.21 2.22
CA PRO B 120 -35.26 17.76 2.65
C PRO B 120 -36.39 16.74 2.54
N GLY B 121 -37.24 16.77 3.56
CA GLY B 121 -38.40 15.86 3.67
C GLY B 121 -38.10 14.55 4.37
N ALA B 122 -36.84 14.23 4.66
CA ALA B 122 -36.42 12.98 5.31
C ALA B 122 -35.98 13.30 6.74
N ASP B 123 -35.92 12.26 7.58
CA ASP B 123 -35.66 12.41 9.03
C ASP B 123 -34.17 12.14 9.28
N VAL B 124 -33.43 11.82 8.25
CA VAL B 124 -31.99 11.41 8.37
C VAL B 124 -31.15 12.25 7.43
N TYR B 125 -29.87 12.41 7.78
CA TYR B 125 -28.81 12.68 6.79
C TYR B 125 -28.20 11.36 6.32
N ASN B 126 -27.72 11.30 5.09
CA ASN B 126 -27.16 10.04 4.56
C ASN B 126 -25.96 10.35 3.66
N ILE B 127 -25.40 9.33 3.05
CA ILE B 127 -24.19 9.49 2.20
C ILE B 127 -24.49 10.48 1.06
N SER B 128 -25.64 10.30 0.40
CA SER B 128 -26.00 11.16 -0.75
C SER B 128 -26.11 12.63 -0.32
N SER B 129 -26.81 12.91 0.78
CA SER B 129 -27.00 14.29 1.24
C SER B 129 -25.69 14.85 1.79
N ALA B 130 -24.89 14.02 2.47
CA ALA B 130 -23.55 14.49 2.90
C ALA B 130 -22.68 14.90 1.69
N ALA B 131 -22.72 14.13 0.62
CA ALA B 131 -21.93 14.43 -0.59
C ALA B 131 -22.38 15.80 -1.15
N GLN B 132 -23.69 16.00 -1.25
CA GLN B 132 -24.26 17.25 -1.79
C GLN B 132 -23.83 18.43 -0.92
N VAL B 133 -23.89 18.25 0.40
CA VAL B 133 -23.47 19.33 1.33
C VAL B 133 -21.98 19.63 1.08
N GLN B 134 -21.12 18.62 0.97
CA GLN B 134 -19.68 18.86 0.74
C GLN B 134 -19.51 19.64 -0.56
N HIS B 135 -20.24 19.21 -1.59
CA HIS B 135 -20.18 19.92 -2.89
C HIS B 135 -20.51 21.39 -2.68
N ASP B 136 -21.60 21.70 -1.99
CA ASP B 136 -22.14 23.07 -1.86
C ASP B 136 -21.23 23.89 -0.93
N ARG B 137 -20.67 23.27 0.11
CA ARG B 137 -19.76 24.00 1.02
C ARG B 137 -18.47 24.38 0.25
N LEU B 138 -17.90 23.44 -0.48
CA LEU B 138 -16.71 23.74 -1.27
C LEU B 138 -17.04 24.82 -2.31
N ALA B 139 -18.19 24.73 -2.97
CA ALA B 139 -18.54 25.80 -3.96
C ALA B 139 -18.64 27.14 -3.27
N ASP B 140 -19.14 27.23 -2.04
CA ASP B 140 -19.20 28.48 -1.28
C ASP B 140 -17.78 28.99 -1.02
N SER B 141 -16.86 28.14 -0.55
CA SER B 141 -15.46 28.58 -0.30
C SER B 141 -14.83 29.06 -1.63
N LEU B 142 -15.05 28.33 -2.72
CA LEU B 142 -14.40 28.68 -4.02
C LEU B 142 -14.93 30.04 -4.48
N ALA B 143 -16.20 30.34 -4.23
CA ALA B 143 -16.81 31.63 -4.64
C ALA B 143 -16.33 32.79 -3.76
N ARG B 144 -16.10 32.59 -2.45
CA ARG B 144 -15.96 33.71 -1.48
C ARG B 144 -14.57 33.81 -0.86
N ASN B 145 -13.73 32.81 -1.03
CA ASN B 145 -12.45 32.80 -0.33
C ASN B 145 -11.34 32.70 -1.34
N PRO B 146 -10.64 33.82 -1.60
CA PRO B 146 -9.60 33.82 -2.63
C PRO B 146 -8.40 32.96 -2.22
N ASN B 147 -8.29 32.65 -0.91
CA ASN B 147 -7.15 31.91 -0.31
C ASN B 147 -7.54 30.45 -0.03
N VAL B 148 -8.63 29.96 -0.62
CA VAL B 148 -9.11 28.55 -0.45
C VAL B 148 -8.01 27.54 -0.76
N THR B 149 -7.93 26.52 0.08
CA THR B 149 -7.08 25.35 -0.11
C THR B 149 -8.03 24.17 -0.19
N ASN B 150 -7.90 23.41 -1.26
CA ASN B 150 -8.78 22.27 -1.60
C ASN B 150 -7.92 21.26 -2.33
N THR B 151 -7.60 20.16 -1.65
CA THR B 151 -6.64 19.16 -2.13
C THR B 151 -7.16 17.78 -1.86
N ASP B 152 -6.51 16.77 -2.44
CA ASP B 152 -6.87 15.36 -2.15
C ASP B 152 -6.95 15.19 -0.63
N LEU B 153 -5.99 15.75 0.08
CA LEU B 153 -5.90 15.52 1.53
C LEU B 153 -7.06 16.26 2.24
N THR B 154 -7.35 17.52 1.91
CA THR B 154 -8.50 18.19 2.60
C THR B 154 -9.80 17.51 2.21
N ALA B 155 -9.97 17.09 0.95
CA ALA B 155 -11.20 16.40 0.54
C ALA B 155 -11.39 15.09 1.31
N THR B 156 -10.32 14.35 1.53
CA THR B 156 -10.39 13.08 2.28
C THR B 156 -10.73 13.38 3.73
N ILE B 157 -10.14 14.40 4.31
CA ILE B 157 -10.43 14.75 5.73
C ILE B 157 -11.91 15.17 5.84
N ARG B 158 -12.40 15.94 4.87
CA ARG B 158 -13.81 16.38 4.92
C ARG B 158 -14.75 15.19 4.87
N SER B 159 -14.51 14.27 3.97
CA SER B 159 -15.36 13.07 3.88
C SER B 159 -15.21 12.19 5.14
N SER B 160 -14.03 12.15 5.74
CA SER B 160 -13.83 11.44 7.03
C SER B 160 -14.74 12.03 8.10
N GLU B 161 -14.82 13.37 8.13
CA GLU B 161 -15.62 14.08 9.15
C GLU B 161 -17.11 13.82 8.91
N SER B 162 -17.56 13.86 7.65
CA SER B 162 -18.99 13.50 7.41
C SER B 162 -19.27 12.05 7.82
N ALA B 163 -18.37 11.15 7.50
CA ALA B 163 -18.52 9.73 7.90
C ALA B 163 -18.53 9.62 9.41
N PHE B 164 -17.75 10.44 10.11
CA PHE B 164 -17.78 10.38 11.57
C PHE B 164 -19.15 10.78 12.08
N PHE B 165 -19.73 11.87 11.62
CA PHE B 165 -21.03 12.25 12.21
C PHE B 165 -22.07 11.21 11.80
N LEU B 166 -21.98 10.67 10.59
CA LEU B 166 -23.02 9.71 10.11
C LEU B 166 -22.98 8.41 10.92
N THR B 167 -21.80 7.98 11.38
CA THR B 167 -21.62 6.71 12.13
C THR B 167 -21.86 6.98 13.61
N VAL B 168 -21.16 7.92 14.22
CA VAL B 168 -21.21 8.06 15.69
C VAL B 168 -22.63 8.48 16.13
N MET B 169 -23.34 9.26 15.32
CA MET B 169 -24.66 9.79 15.68
C MET B 169 -25.75 8.91 15.03
N SER B 170 -25.45 7.69 14.64
CA SER B 170 -26.46 6.80 14.00
C SER B 170 -27.51 6.36 15.03
N ALA B 171 -28.59 5.77 14.50
CA ALA B 171 -29.66 5.13 15.30
C ALA B 171 -29.27 3.73 15.76
N GLY B 172 -28.03 3.30 15.59
CA GLY B 172 -27.58 2.08 16.25
C GLY B 172 -26.83 1.19 15.32
N ASP B 173 -26.97 1.38 13.99
CA ASP B 173 -26.27 0.50 13.02
C ASP B 173 -25.40 1.37 12.13
N PRO B 174 -24.17 1.69 12.55
CA PRO B 174 -23.40 2.73 11.86
C PRO B 174 -22.99 2.32 10.45
N LEU B 175 -22.95 1.02 10.13
CA LEU B 175 -22.65 0.50 8.76
C LEU B 175 -23.52 1.20 7.74
N ARG B 176 -24.73 1.59 8.11
CA ARG B 176 -25.74 1.97 7.12
C ARG B 176 -25.40 3.32 6.48
N GLY B 177 -24.57 4.16 7.09
CA GLY B 177 -24.24 5.47 6.49
C GLY B 177 -25.41 6.45 6.54
N GLU B 178 -26.14 6.46 7.63
CA GLU B 178 -27.25 7.41 7.80
C GLU B 178 -27.41 7.69 9.28
N ALA B 179 -27.86 8.88 9.61
CA ALA B 179 -28.04 9.31 10.99
C ALA B 179 -29.23 10.23 11.13
N PRO B 180 -30.02 10.09 12.21
CA PRO B 180 -31.12 11.00 12.42
C PRO B 180 -30.66 12.44 12.49
N LYS B 181 -31.38 13.32 11.79
CA LYS B 181 -31.15 14.79 11.87
C LYS B 181 -31.28 15.26 13.32
N LYS B 182 -32.23 14.74 14.10
CA LYS B 182 -32.46 15.22 15.47
C LYS B 182 -31.20 14.96 16.31
N PHE B 183 -30.41 13.95 15.99
CA PHE B 183 -29.17 13.65 16.74
C PHE B 183 -28.03 14.53 16.19
N VAL B 184 -27.84 14.57 14.89
CA VAL B 184 -26.70 15.29 14.27
C VAL B 184 -26.83 16.78 14.56
N ASN B 185 -28.05 17.32 14.54
CA ASN B 185 -28.22 18.76 14.77
C ASN B 185 -27.86 19.14 16.20
N VAL B 186 -28.18 18.30 17.19
CA VAL B 186 -27.78 18.57 18.60
C VAL B 186 -26.25 18.44 18.74
N PHE B 187 -25.70 17.41 18.16
CA PHE B 187 -24.23 17.18 18.18
C PHE B 187 -23.50 18.43 17.73
N PHE B 188 -23.88 19.02 16.58
CA PHE B 188 -23.24 20.25 16.10
C PHE B 188 -23.62 21.46 16.92
N ARG B 189 -24.93 21.68 17.11
CA ARG B 189 -25.35 22.99 17.69
C ARG B 189 -25.00 23.14 19.17
N GLU B 190 -25.03 22.05 19.92
CA GLU B 190 -24.79 22.10 21.37
C GLU B 190 -23.52 21.35 21.79
N GLU B 191 -22.93 20.55 20.92
CA GLU B 191 -21.79 19.67 21.26
C GLU B 191 -22.22 18.86 22.51
N ARG B 192 -23.33 18.17 22.36
CA ARG B 192 -24.02 17.39 23.38
C ARG B 192 -24.33 16.04 22.76
N MET B 193 -24.19 14.97 23.51
CA MET B 193 -24.70 13.64 23.11
C MET B 193 -26.22 13.72 23.22
N PRO B 194 -26.96 13.40 22.15
CA PRO B 194 -28.42 13.60 22.16
C PRO B 194 -29.18 12.50 22.88
N ILE B 195 -28.82 12.28 24.13
CA ILE B 195 -29.35 11.15 24.95
C ILE B 195 -30.84 11.43 25.20
N LYS B 196 -31.20 12.64 25.59
CA LYS B 196 -32.63 12.97 25.84
C LYS B 196 -33.44 12.65 24.58
N GLU B 197 -32.90 12.92 23.40
CA GLU B 197 -33.57 12.72 22.10
C GLU B 197 -33.63 11.24 21.72
N GLY B 198 -32.91 10.34 22.40
CA GLY B 198 -32.97 8.89 22.16
C GLY B 198 -31.71 8.26 21.61
N TRP B 199 -30.63 9.04 21.51
CA TRP B 199 -29.37 8.46 21.01
C TRP B 199 -28.75 7.53 22.06
N LYS B 200 -28.08 6.50 21.59
CA LYS B 200 -27.20 5.66 22.42
C LYS B 200 -25.91 5.38 21.65
N ARG B 201 -24.87 5.20 22.42
CA ARG B 201 -23.55 4.77 21.90
C ARG B 201 -23.77 3.55 21.02
N SER B 202 -23.13 3.54 19.88
CA SER B 202 -23.08 2.37 18.97
C SER B 202 -22.69 1.10 19.74
N THR B 203 -23.40 -0.03 19.54
CA THR B 203 -22.92 -1.33 20.01
C THR B 203 -21.98 -1.96 18.99
N THR B 204 -21.79 -1.34 17.83
CA THR B 204 -20.86 -1.82 16.80
C THR B 204 -19.61 -0.95 16.86
N PRO B 205 -18.41 -1.53 16.91
CA PRO B 205 -17.16 -0.76 16.86
C PRO B 205 -17.03 0.00 15.54
N ILE B 206 -16.73 1.29 15.65
CA ILE B 206 -16.51 2.18 14.47
C ILE B 206 -15.00 2.22 14.23
N THR B 207 -14.62 1.67 13.10
CA THR B 207 -13.23 1.34 12.76
C THR B 207 -12.89 1.92 11.38
N ILE B 208 -11.63 1.86 10.99
CA ILE B 208 -11.21 2.36 9.65
C ILE B 208 -11.93 1.52 8.59
N PRO B 209 -11.99 0.18 8.64
CA PRO B 209 -12.75 -0.59 7.66
C PRO B 209 -14.24 -0.25 7.55
N LEU B 210 -14.87 0.17 8.67
CA LEU B 210 -16.26 0.59 8.64
C LEU B 210 -16.35 1.98 8.00
N LEU B 211 -15.47 2.89 8.38
CA LEU B 211 -15.55 4.28 7.87
C LEU B 211 -15.17 4.32 6.39
N GLY B 212 -14.17 3.56 5.97
CA GLY B 212 -13.50 3.74 4.64
C GLY B 212 -14.49 3.79 3.47
N PRO B 213 -15.41 2.80 3.34
CA PRO B 213 -16.38 2.79 2.23
C PRO B 213 -17.29 4.02 2.25
N ILE B 214 -17.72 4.47 3.43
CA ILE B 214 -18.59 5.65 3.57
C ILE B 214 -17.79 6.86 3.06
N ILE B 215 -16.54 7.02 3.51
CA ILE B 215 -15.68 8.15 3.07
C ILE B 215 -15.59 8.15 1.54
N GLU B 216 -15.24 7.00 0.97
CA GLU B 216 -14.98 6.94 -0.48
C GLU B 216 -16.28 7.19 -1.26
N ARG B 217 -17.42 6.71 -0.77
CA ARG B 217 -18.67 6.89 -1.50
C ARG B 217 -19.13 8.35 -1.40
N ILE B 218 -18.91 8.98 -0.27
CA ILE B 218 -19.29 10.42 -0.17
C ILE B 218 -18.43 11.16 -1.19
N THR B 219 -17.13 10.94 -1.19
CA THR B 219 -16.24 11.62 -2.16
C THR B 219 -16.75 11.39 -3.58
N GLU B 220 -17.01 10.14 -3.92
CA GLU B 220 -17.44 9.80 -5.30
C GLU B 220 -18.70 10.55 -5.70
N LEU B 221 -19.67 10.70 -4.80
CA LEU B 221 -20.96 11.34 -5.13
C LEU B 221 -20.87 12.89 -5.08
N SER B 222 -19.77 13.44 -4.61
CA SER B 222 -19.66 14.90 -4.32
C SER B 222 -19.24 15.74 -5.55
N ASP B 223 -18.93 15.11 -6.70
CA ASP B 223 -18.55 15.82 -7.95
C ASP B 223 -17.35 16.72 -7.60
N TRP B 224 -16.33 16.11 -7.04
CA TRP B 224 -15.16 16.80 -6.51
C TRP B 224 -14.05 16.93 -7.55
N LYS B 225 -13.38 18.07 -7.51
CA LYS B 225 -12.10 18.31 -8.23
C LYS B 225 -11.15 19.05 -7.31
N PRO B 226 -9.82 18.85 -7.41
CA PRO B 226 -8.85 19.68 -6.69
C PRO B 226 -8.73 21.11 -7.25
N THR B 227 -8.13 21.98 -6.43
CA THR B 227 -7.86 23.44 -6.65
C THR B 227 -6.35 23.67 -6.60
N GLY B 228 -5.82 24.44 -7.56
CA GLY B 228 -4.41 24.90 -7.51
C GLY B 228 -3.46 23.74 -7.62
N ASP B 229 -2.37 23.75 -6.83
CA ASP B 229 -1.24 22.79 -6.96
C ASP B 229 -1.57 21.44 -6.33
N ASN B 230 -2.69 21.32 -5.65
CA ASN B 230 -3.13 19.99 -5.12
C ASN B 230 -2.02 19.35 -4.28
N CYS B 231 -1.44 20.14 -3.40
CA CYS B 231 -0.29 19.72 -2.56
C CYS B 231 -0.83 19.23 -1.23
N GLY B 232 -0.54 17.98 -0.86
CA GLY B 232 -0.96 17.37 0.43
C GLY B 232 -0.02 17.64 1.60
N ALA B 233 0.69 18.76 1.60
CA ALA B 233 1.56 19.23 2.72
C ALA B 233 0.69 19.72 3.87
N ILE B 234 0.99 19.24 5.08
CA ILE B 234 0.35 19.75 6.31
C ILE B 234 1.33 20.68 7.02
N VAL B 235 0.78 21.55 7.82
CA VAL B 235 1.48 22.41 8.78
C VAL B 235 1.93 21.52 9.95
N LEU B 236 3.21 21.45 10.23
CA LEU B 236 3.80 20.48 11.17
C LEU B 236 3.98 21.03 12.57
N SER B 237 3.72 22.30 12.81
CA SER B 237 3.90 22.94 14.12
C SER B 237 3.20 24.27 14.11
N PRO B 238 2.78 24.80 15.26
CA PRO B 238 2.33 26.18 15.33
C PRO B 238 3.54 27.14 15.22
N GLU B 239 3.26 28.44 15.22
CA GLU B 239 4.20 29.52 14.80
C GLU B 239 5.54 28.96 14.28
N VAL C 2 -18.79 2.99 -32.01
CA VAL C 2 -18.98 1.60 -32.51
C VAL C 2 -20.43 1.48 -33.00
N ASP C 3 -20.70 0.56 -33.91
CA ASP C 3 -22.04 0.37 -34.52
C ASP C 3 -22.76 -0.79 -33.81
N PHE C 4 -23.63 -0.48 -32.86
CA PHE C 4 -24.37 -1.53 -32.13
C PHE C 4 -25.28 -2.30 -33.09
N SER C 5 -25.83 -1.61 -34.11
CA SER C 5 -26.76 -2.30 -35.03
C SER C 5 -26.02 -3.41 -35.77
N ALA C 6 -24.70 -3.30 -35.95
CA ALA C 6 -23.85 -4.30 -36.63
C ALA C 6 -23.42 -5.39 -35.65
N HIS C 7 -23.97 -5.35 -34.45
CA HIS C 7 -23.69 -6.36 -33.40
C HIS C 7 -24.99 -6.95 -32.94
N PRO C 8 -25.72 -7.68 -33.80
CA PRO C 8 -26.97 -8.29 -33.40
C PRO C 8 -26.76 -9.42 -32.37
N TRP C 9 -27.69 -9.54 -31.46
CA TRP C 9 -27.76 -10.71 -30.55
C TRP C 9 -28.10 -11.96 -31.34
N LYS C 10 -27.37 -13.05 -31.14
CA LYS C 10 -27.80 -14.38 -31.64
C LYS C 10 -27.54 -15.40 -30.52
N ALA C 11 -28.52 -16.24 -30.24
CA ALA C 11 -28.38 -17.28 -29.19
C ALA C 11 -27.18 -18.13 -29.53
N PRO C 12 -26.37 -18.59 -28.56
CA PRO C 12 -25.24 -19.46 -28.91
C PRO C 12 -25.73 -20.87 -29.23
N GLY C 13 -25.01 -21.50 -30.13
CA GLY C 13 -25.21 -22.92 -30.46
C GLY C 13 -24.51 -23.78 -29.44
N PRO C 14 -24.75 -25.11 -29.48
CA PRO C 14 -24.16 -26.05 -28.54
C PRO C 14 -22.62 -26.16 -28.65
N ASN C 15 -21.99 -25.72 -29.73
CA ASN C 15 -20.51 -25.77 -29.93
C ASN C 15 -19.86 -24.41 -29.65
N ASP C 16 -20.66 -23.40 -29.33
CA ASP C 16 -20.14 -22.04 -28.97
C ASP C 16 -19.76 -22.11 -27.50
N SER C 17 -18.55 -21.71 -27.16
CA SER C 17 -18.08 -21.77 -25.76
C SER C 17 -18.72 -20.63 -24.99
N ARG C 18 -19.36 -20.94 -23.86
CA ARG C 18 -19.86 -19.89 -22.96
C ARG C 18 -19.42 -20.23 -21.54
N GLY C 19 -19.31 -19.18 -20.71
CA GLY C 19 -18.76 -19.37 -19.36
C GLY C 19 -19.77 -18.95 -18.29
N PRO C 20 -19.29 -18.75 -17.04
CA PRO C 20 -20.15 -18.39 -15.92
C PRO C 20 -20.35 -16.88 -15.79
N CYS C 21 -19.81 -16.14 -16.74
CA CYS C 21 -19.80 -14.65 -16.70
C CYS C 21 -20.83 -14.11 -17.68
N PRO C 22 -21.90 -13.43 -17.22
CA PRO C 22 -22.88 -12.86 -18.14
C PRO C 22 -22.25 -11.70 -18.91
N GLY C 23 -21.28 -11.01 -18.35
CA GLY C 23 -20.62 -9.90 -19.06
C GLY C 23 -19.97 -10.35 -20.34
N LEU C 24 -19.09 -11.32 -20.27
CA LEU C 24 -18.32 -11.80 -21.45
C LEU C 24 -19.27 -12.59 -22.33
N ASN C 25 -20.20 -13.36 -21.79
CA ASN C 25 -21.15 -14.15 -22.61
C ASN C 25 -21.96 -13.20 -23.49
N THR C 26 -22.42 -12.08 -22.91
CA THR C 26 -23.26 -11.09 -23.64
C THR C 26 -22.41 -10.46 -24.75
N LEU C 27 -21.14 -10.15 -24.50
CA LEU C 27 -20.30 -9.57 -25.57
C LEU C 27 -20.14 -10.62 -26.66
N ALA C 28 -19.95 -11.89 -26.36
CA ALA C 28 -19.83 -12.95 -27.39
C ALA C 28 -21.15 -13.09 -28.16
N ASN C 29 -22.29 -13.04 -27.49
CA ASN C 29 -23.61 -13.22 -28.14
C ASN C 29 -23.91 -12.07 -29.11
N HIS C 30 -23.20 -10.96 -28.97
CA HIS C 30 -23.36 -9.77 -29.84
C HIS C 30 -22.19 -9.70 -30.84
N GLY C 31 -21.21 -10.61 -30.85
CA GLY C 31 -20.02 -10.51 -31.74
C GLY C 31 -19.01 -9.45 -31.36
N PHE C 32 -19.08 -8.83 -30.18
CA PHE C 32 -17.99 -7.94 -29.73
C PHE C 32 -16.77 -8.80 -29.35
N LEU C 33 -17.04 -9.99 -28.83
CA LEU C 33 -16.07 -11.12 -28.77
C LEU C 33 -16.52 -12.12 -29.80
N PRO C 34 -15.61 -12.99 -30.24
CA PRO C 34 -15.95 -14.07 -31.16
C PRO C 34 -17.19 -14.83 -30.70
N ARG C 35 -18.15 -15.02 -31.60
CA ARG C 35 -19.43 -15.69 -31.27
C ARG C 35 -19.18 -17.13 -30.79
N ASN C 36 -18.11 -17.75 -31.26
CA ASN C 36 -17.81 -19.14 -30.84
C ASN C 36 -17.18 -19.15 -29.46
N GLY C 37 -16.87 -17.98 -28.86
CA GLY C 37 -16.35 -17.96 -27.49
C GLY C 37 -14.97 -18.54 -27.38
N ARG C 38 -14.21 -18.62 -28.47
CA ARG C 38 -12.85 -19.23 -28.46
C ARG C 38 -11.78 -18.22 -28.83
N ASN C 39 -10.53 -18.54 -28.47
CA ASN C 39 -9.31 -17.79 -28.86
C ASN C 39 -9.41 -16.34 -28.38
N ILE C 40 -9.91 -16.15 -27.15
CA ILE C 40 -10.15 -14.81 -26.58
C ILE C 40 -8.93 -14.39 -25.77
N SER C 41 -8.32 -13.29 -26.12
CA SER C 41 -7.11 -12.71 -25.49
C SER C 41 -7.51 -11.54 -24.62
N VAL C 42 -6.58 -11.11 -23.78
CA VAL C 42 -6.83 -9.91 -22.94
C VAL C 42 -7.04 -8.68 -23.82
N PRO C 43 -6.22 -8.41 -24.83
CA PRO C 43 -6.57 -7.28 -25.69
C PRO C 43 -7.97 -7.34 -26.30
N MET C 44 -8.46 -8.53 -26.64
CA MET C 44 -9.81 -8.68 -27.23
C MET C 44 -10.83 -8.31 -26.15
N ILE C 45 -10.63 -8.78 -24.90
CA ILE C 45 -11.57 -8.41 -23.80
C ILE C 45 -11.55 -6.90 -23.55
N VAL C 46 -10.36 -6.31 -23.52
CA VAL C 46 -10.22 -4.86 -23.30
C VAL C 46 -11.06 -4.11 -24.35
N LYS C 47 -10.90 -4.48 -25.60
CA LYS C 47 -11.56 -3.75 -26.72
C LYS C 47 -13.07 -4.02 -26.64
N ALA C 48 -13.48 -5.25 -26.42
CA ALA C 48 -14.91 -5.61 -26.41
C ALA C 48 -15.62 -4.90 -25.25
N GLY C 49 -14.98 -4.92 -24.09
CA GLY C 49 -15.55 -4.23 -22.91
C GLY C 49 -15.65 -2.74 -23.08
N PHE C 50 -14.67 -2.14 -23.71
CA PHE C 50 -14.71 -0.69 -24.02
C PHE C 50 -15.86 -0.42 -25.00
N GLU C 51 -15.85 -1.17 -26.11
CA GLU C 51 -16.87 -0.98 -27.16
C GLU C 51 -18.27 -1.23 -26.62
N GLY C 52 -18.50 -2.37 -25.98
CA GLY C 52 -19.85 -2.76 -25.61
C GLY C 52 -20.37 -1.94 -24.43
N TYR C 53 -19.52 -1.71 -23.40
CA TYR C 53 -20.00 -1.28 -22.07
C TYR C 53 -19.35 0.03 -21.58
N ASN C 54 -18.31 0.52 -22.26
CA ASN C 54 -17.48 1.67 -21.81
C ASN C 54 -16.75 1.29 -20.50
N VAL C 55 -16.37 0.02 -20.37
CA VAL C 55 -15.54 -0.43 -19.24
C VAL C 55 -14.09 -0.25 -19.67
N GLN C 56 -13.31 0.40 -18.83
CA GLN C 56 -11.94 0.80 -19.15
C GLN C 56 -10.92 -0.31 -18.94
N SER C 57 -9.74 -0.09 -19.50
CA SER C 57 -8.70 -1.14 -19.60
C SER C 57 -8.17 -1.53 -18.21
N ASP C 58 -8.19 -0.62 -17.24
CA ASP C 58 -7.64 -0.88 -15.88
C ASP C 58 -8.26 -2.18 -15.32
N ILE C 59 -9.58 -2.22 -15.26
CA ILE C 59 -10.25 -3.38 -14.61
C ILE C 59 -10.10 -4.59 -15.55
N LEU C 60 -10.21 -4.43 -16.87
CA LEU C 60 -10.24 -5.58 -17.79
C LEU C 60 -8.84 -6.21 -17.96
N ILE C 61 -7.77 -5.45 -17.85
CA ILE C 61 -6.40 -6.02 -17.86
C ILE C 61 -6.22 -6.83 -16.57
N LEU C 62 -6.65 -6.27 -15.46
CA LEU C 62 -6.49 -6.90 -14.12
C LEU C 62 -7.25 -8.24 -14.12
N ALA C 63 -8.56 -8.22 -14.39
CA ALA C 63 -9.40 -9.43 -14.39
C ALA C 63 -9.03 -10.35 -15.54
N GLY C 64 -8.73 -9.79 -16.71
CA GLY C 64 -8.43 -10.61 -17.89
C GLY C 64 -7.20 -11.47 -17.69
N LYS C 65 -6.12 -10.92 -17.15
CA LYS C 65 -4.87 -11.70 -16.96
C LYS C 65 -5.12 -12.79 -15.90
N ILE C 66 -5.98 -12.55 -14.91
CA ILE C 66 -6.35 -13.62 -13.95
C ILE C 66 -7.13 -14.68 -14.70
N GLY C 67 -8.09 -14.29 -15.57
CA GLY C 67 -8.87 -15.28 -16.32
C GLY C 67 -8.01 -16.12 -17.26
N MET C 68 -6.95 -15.54 -17.82
CA MET C 68 -6.06 -16.28 -18.75
C MET C 68 -5.47 -17.49 -18.04
N LEU C 69 -5.41 -17.49 -16.70
CA LEU C 69 -4.81 -18.63 -15.97
C LEU C 69 -5.66 -19.89 -16.13
N THR C 70 -6.92 -19.78 -16.52
CA THR C 70 -7.85 -20.90 -16.55
C THR C 70 -7.66 -21.80 -17.76
N SER C 71 -6.92 -21.38 -18.77
CA SER C 71 -6.73 -22.21 -19.99
C SER C 71 -5.34 -22.85 -19.98
N ARG C 72 -5.10 -23.75 -20.92
CA ARG C 72 -3.75 -24.29 -21.15
C ARG C 72 -3.07 -23.56 -22.31
N GLU C 73 -3.64 -22.47 -22.81
CA GLU C 73 -3.08 -21.78 -24.01
C GLU C 73 -2.22 -20.59 -23.57
N ALA C 74 -1.31 -20.18 -24.45
CA ALA C 74 -0.31 -19.11 -24.14
C ALA C 74 -0.96 -17.78 -23.79
N ASP C 75 -2.03 -17.37 -24.51
CA ASP C 75 -2.52 -15.98 -24.31
C ASP C 75 -3.99 -15.86 -24.67
N THR C 76 -4.74 -16.97 -24.62
CA THR C 76 -6.18 -16.97 -24.92
C THR C 76 -6.88 -17.97 -24.01
N ILE C 77 -8.18 -17.81 -23.89
CA ILE C 77 -9.10 -18.77 -23.27
C ILE C 77 -10.25 -19.08 -24.25
N SER C 78 -10.96 -20.14 -23.93
CA SER C 78 -12.37 -20.33 -24.29
C SER C 78 -13.20 -19.77 -23.16
N LEU C 79 -14.37 -19.23 -23.40
CA LEU C 79 -15.14 -18.68 -22.26
C LEU C 79 -15.48 -19.75 -21.22
N GLU C 80 -15.71 -21.00 -21.63
CA GLU C 80 -16.07 -22.07 -20.69
C GLU C 80 -14.92 -22.29 -19.72
N ASP C 81 -13.68 -22.05 -20.10
CA ASP C 81 -12.52 -22.25 -19.19
C ASP C 81 -12.70 -21.48 -17.90
N LEU C 82 -13.42 -20.36 -17.93
CA LEU C 82 -13.56 -19.47 -16.73
C LEU C 82 -14.39 -20.14 -15.67
N LYS C 83 -15.03 -21.28 -15.92
CA LYS C 83 -15.75 -22.00 -14.84
C LYS C 83 -14.77 -22.61 -13.83
N LEU C 84 -13.46 -22.59 -14.09
CA LEU C 84 -12.48 -23.27 -13.20
C LEU C 84 -12.68 -22.79 -11.77
N HIS C 85 -13.15 -23.67 -10.89
CA HIS C 85 -13.51 -23.27 -9.52
C HIS C 85 -12.29 -22.81 -8.75
N GLY C 86 -12.35 -21.62 -8.16
CA GLY C 86 -11.29 -21.11 -7.30
C GLY C 86 -10.23 -20.32 -8.00
N THR C 87 -10.34 -20.03 -9.30
CA THR C 87 -9.50 -18.98 -9.91
C THR C 87 -10.28 -17.69 -9.73
N ILE C 88 -11.30 -17.45 -10.53
CA ILE C 88 -12.32 -16.40 -10.25
C ILE C 88 -13.63 -17.04 -9.79
N GLU C 89 -14.08 -18.10 -10.47
CA GLU C 89 -15.40 -18.69 -10.17
C GLU C 89 -15.48 -19.09 -8.68
N HIS C 90 -16.60 -18.74 -8.07
CA HIS C 90 -16.81 -18.85 -6.62
C HIS C 90 -18.23 -19.34 -6.29
N ASP C 91 -18.38 -19.85 -5.08
CA ASP C 91 -19.69 -20.14 -4.52
C ASP C 91 -20.49 -18.87 -4.27
N ALA C 92 -21.77 -19.01 -4.04
CA ALA C 92 -22.73 -17.92 -3.72
C ALA C 92 -22.75 -16.93 -4.90
N SER C 93 -22.76 -17.47 -6.12
CA SER C 93 -23.05 -16.71 -7.35
C SER C 93 -24.51 -16.24 -7.31
N LEU C 94 -24.81 -15.19 -8.10
CA LEU C 94 -26.16 -14.59 -8.20
C LEU C 94 -27.09 -15.45 -9.04
N SER C 95 -26.54 -16.23 -9.96
CA SER C 95 -27.32 -16.85 -11.05
C SER C 95 -26.84 -18.26 -11.38
N ARG C 96 -25.79 -18.81 -10.71
CA ARG C 96 -25.28 -20.15 -10.95
C ARG C 96 -25.34 -20.87 -9.61
N GLU C 97 -25.31 -22.20 -9.66
CA GLU C 97 -25.22 -23.04 -8.45
C GLU C 97 -23.75 -23.16 -8.05
N ASP C 98 -23.53 -23.57 -6.79
CA ASP C 98 -22.17 -23.91 -6.32
C ASP C 98 -21.69 -25.24 -6.95
N VAL C 99 -20.42 -25.32 -7.35
CA VAL C 99 -19.89 -26.47 -8.11
C VAL C 99 -20.05 -27.75 -7.28
N ALA C 100 -19.95 -27.67 -5.96
CA ALA C 100 -19.96 -28.92 -5.15
C ALA C 100 -21.37 -29.50 -5.13
N ILE C 101 -22.43 -28.70 -5.35
CA ILE C 101 -23.84 -29.17 -5.21
C ILE C 101 -24.64 -28.98 -6.51
N GLY C 102 -24.01 -28.54 -7.60
CA GLY C 102 -24.77 -28.19 -8.80
C GLY C 102 -23.88 -27.75 -9.95
N ASP C 103 -24.52 -27.06 -10.90
CA ASP C 103 -23.91 -26.56 -12.16
C ASP C 103 -23.42 -25.12 -11.92
N ASN C 104 -22.11 -24.92 -11.95
CA ASN C 104 -21.50 -23.60 -11.66
C ASN C 104 -21.29 -22.81 -12.98
N LEU C 105 -21.85 -23.30 -14.08
CA LEU C 105 -21.58 -22.75 -15.45
C LEU C 105 -22.80 -22.04 -16.00
N HIS C 106 -23.99 -22.61 -15.94
CA HIS C 106 -25.15 -22.09 -16.68
C HIS C 106 -26.03 -21.21 -15.80
N PHE C 107 -26.74 -20.30 -16.44
CA PHE C 107 -27.77 -19.51 -15.79
C PHE C 107 -28.87 -20.42 -15.25
N ASN C 108 -29.27 -20.18 -14.02
CA ASN C 108 -30.27 -20.99 -13.28
C ASN C 108 -31.34 -20.04 -12.73
N GLU C 109 -32.57 -20.11 -13.24
CA GLU C 109 -33.61 -19.17 -12.75
C GLU C 109 -33.89 -19.34 -11.25
N ALA C 110 -33.91 -20.56 -10.72
CA ALA C 110 -34.24 -20.82 -9.30
C ALA C 110 -33.22 -20.05 -8.44
N ILE C 111 -31.94 -20.06 -8.84
CA ILE C 111 -30.88 -19.31 -8.10
C ILE C 111 -31.16 -17.81 -8.25
N PHE C 112 -31.44 -17.38 -9.47
CA PHE C 112 -31.66 -15.95 -9.82
C PHE C 112 -32.85 -15.39 -9.07
N THR C 113 -33.77 -16.21 -8.60
CA THR C 113 -35.02 -15.75 -7.92
C THR C 113 -34.69 -14.69 -6.85
N THR C 114 -33.65 -14.94 -6.06
CA THR C 114 -33.28 -14.06 -4.96
C THR C 114 -33.03 -12.64 -5.52
N LEU C 115 -32.19 -12.53 -6.52
CA LEU C 115 -31.95 -11.19 -7.13
C LEU C 115 -33.25 -10.67 -7.75
N ALA C 116 -33.98 -11.49 -8.50
CA ALA C 116 -35.16 -11.00 -9.23
C ALA C 116 -36.23 -10.44 -8.25
N ASN C 117 -36.30 -10.96 -7.04
CA ASN C 117 -37.33 -10.59 -6.03
C ASN C 117 -36.81 -9.47 -5.12
N SER C 118 -35.58 -8.99 -5.31
CA SER C 118 -34.96 -7.96 -4.44
C SER C 118 -35.52 -6.57 -4.77
N ASN C 119 -35.32 -5.65 -3.84
CA ASN C 119 -35.80 -4.26 -3.89
C ASN C 119 -37.28 -4.20 -4.28
N PRO C 120 -38.17 -4.88 -3.51
CA PRO C 120 -39.59 -4.95 -3.85
C PRO C 120 -40.20 -3.54 -3.83
N GLY C 121 -41.05 -3.26 -4.81
CA GLY C 121 -41.81 -1.99 -4.92
C GLY C 121 -41.01 -0.88 -5.58
N ALA C 122 -39.87 -1.21 -6.17
CA ALA C 122 -38.99 -0.27 -6.89
C ALA C 122 -38.70 -0.89 -8.26
N ASP C 123 -38.35 -0.11 -9.29
CA ASP C 123 -38.10 -0.68 -10.64
C ASP C 123 -36.60 -0.75 -10.92
N VAL C 124 -35.80 -0.54 -9.88
CA VAL C 124 -34.31 -0.65 -9.98
C VAL C 124 -33.78 -1.64 -8.94
N TYR C 125 -32.61 -2.16 -9.20
CA TYR C 125 -31.72 -2.76 -8.17
C TYR C 125 -30.71 -1.65 -7.82
N ASN C 126 -30.23 -1.66 -6.59
CA ASN C 126 -29.29 -0.63 -6.13
C ASN C 126 -28.26 -1.23 -5.18
N ILE C 127 -27.35 -0.41 -4.66
CA ILE C 127 -26.29 -0.92 -3.77
C ILE C 127 -26.92 -1.66 -2.58
N SER C 128 -27.90 -1.08 -1.94
CA SER C 128 -28.50 -1.68 -0.75
C SER C 128 -29.11 -3.05 -1.10
N SER C 129 -29.86 -3.13 -2.20
CA SER C 129 -30.55 -4.38 -2.57
C SER C 129 -29.51 -5.40 -3.03
N ALA C 130 -28.42 -4.99 -3.70
CA ALA C 130 -27.38 -5.96 -4.10
C ALA C 130 -26.75 -6.53 -2.86
N ALA C 131 -26.53 -5.69 -1.84
CA ALA C 131 -25.90 -6.13 -0.58
C ALA C 131 -26.79 -7.17 0.08
N GLN C 132 -28.10 -6.95 0.12
CA GLN C 132 -29.07 -7.89 0.74
C GLN C 132 -29.01 -9.22 -0.03
N VAL C 133 -29.06 -9.14 -1.35
CA VAL C 133 -28.97 -10.36 -2.18
C VAL C 133 -27.66 -11.10 -1.90
N GLN C 134 -26.52 -10.42 -1.86
CA GLN C 134 -25.26 -11.11 -1.55
C GLN C 134 -25.35 -11.77 -0.17
N HIS C 135 -25.94 -11.13 0.81
CA HIS C 135 -26.03 -11.72 2.16
C HIS C 135 -26.88 -13.00 2.06
N ASP C 136 -27.97 -12.91 1.34
CA ASP C 136 -28.95 -14.03 1.25
C ASP C 136 -28.38 -15.19 0.41
N ARG C 137 -27.66 -14.89 -0.66
CA ARG C 137 -27.01 -15.95 -1.47
C ARG C 137 -25.94 -16.63 -0.64
N LEU C 138 -25.12 -15.88 0.09
CA LEU C 138 -24.07 -16.52 0.89
C LEU C 138 -24.74 -17.34 2.00
N ALA C 139 -25.83 -16.85 2.59
CA ALA C 139 -26.48 -17.63 3.66
C ALA C 139 -26.95 -18.96 3.04
N ASP C 140 -27.45 -18.94 1.80
CA ASP C 140 -27.93 -20.18 1.14
C ASP C 140 -26.76 -21.14 0.95
N SER C 141 -25.60 -20.70 0.47
CA SER C 141 -24.41 -21.55 0.31
C SER C 141 -23.93 -22.11 1.66
N LEU C 142 -23.94 -21.27 2.66
CA LEU C 142 -23.53 -21.71 4.01
C LEU C 142 -24.53 -22.78 4.48
N ALA C 143 -25.82 -22.68 4.18
CA ALA C 143 -26.82 -23.68 4.65
C ALA C 143 -26.68 -24.98 3.88
N ARG C 144 -26.43 -24.94 2.57
CA ARG C 144 -26.68 -26.13 1.71
C ARG C 144 -25.41 -26.74 1.15
N ASN C 145 -24.28 -26.08 1.21
CA ASN C 145 -23.06 -26.58 0.56
C ASN C 145 -22.02 -26.92 1.60
N PRO C 146 -21.78 -28.22 1.89
CA PRO C 146 -20.77 -28.58 2.89
C PRO C 146 -19.32 -28.28 2.50
N ASN C 147 -19.04 -27.91 1.25
CA ASN C 147 -17.71 -27.55 0.74
C ASN C 147 -17.63 -26.06 0.37
N VAL C 148 -18.53 -25.26 0.94
CA VAL C 148 -18.61 -23.79 0.69
C VAL C 148 -17.26 -23.14 0.98
N THR C 149 -16.81 -22.25 0.13
CA THR C 149 -15.61 -21.42 0.31
C THR C 149 -16.14 -19.99 0.41
N ASN C 150 -15.71 -19.24 1.42
CA ASN C 150 -16.15 -17.87 1.70
C ASN C 150 -14.95 -17.17 2.30
N THR C 151 -14.27 -16.35 1.51
CA THR C 151 -13.07 -15.59 1.96
C THR C 151 -13.24 -14.10 1.67
N ASP C 152 -12.36 -13.27 2.22
CA ASP C 152 -12.33 -11.82 1.87
C ASP C 152 -12.25 -11.70 0.35
N LEU C 153 -11.43 -12.53 -0.31
CA LEU C 153 -11.24 -12.42 -1.77
C LEU C 153 -12.58 -12.76 -2.44
N THR C 154 -13.21 -13.88 -2.11
CA THR C 154 -14.47 -14.24 -2.82
C THR C 154 -15.50 -13.16 -2.54
N ALA C 155 -15.59 -12.64 -1.32
CA ALA C 155 -16.54 -11.59 -0.96
C ALA C 155 -16.31 -10.37 -1.84
N THR C 156 -15.07 -9.98 -2.05
CA THR C 156 -14.73 -8.79 -2.88
C THR C 156 -15.05 -9.09 -4.36
N ILE C 157 -14.72 -10.28 -4.86
CA ILE C 157 -15.09 -10.64 -6.25
C ILE C 157 -16.60 -10.57 -6.43
N ARG C 158 -17.37 -11.03 -5.46
CA ARG C 158 -18.82 -11.02 -5.56
C ARG C 158 -19.36 -9.60 -5.60
N SER C 159 -18.83 -8.74 -4.74
CA SER C 159 -19.22 -7.32 -4.77
C SER C 159 -18.78 -6.65 -6.09
N SER C 160 -17.65 -7.06 -6.66
CA SER C 160 -17.15 -6.51 -7.95
C SER C 160 -18.17 -6.84 -9.04
N GLU C 161 -18.68 -8.07 -8.99
CA GLU C 161 -19.65 -8.55 -10.00
C GLU C 161 -20.98 -7.81 -9.82
N SER C 162 -21.47 -7.61 -8.59
CA SER C 162 -22.67 -6.79 -8.39
C SER C 162 -22.41 -5.37 -8.91
N ALA C 163 -21.27 -4.77 -8.61
CA ALA C 163 -20.95 -3.41 -9.06
C ALA C 163 -20.96 -3.38 -10.60
N PHE C 164 -20.45 -4.42 -11.25
CA PHE C 164 -20.44 -4.51 -12.71
C PHE C 164 -21.87 -4.46 -13.23
N PHE C 165 -22.82 -5.26 -12.73
CA PHE C 165 -24.17 -5.24 -13.34
C PHE C 165 -24.85 -3.89 -13.02
N LEU C 166 -24.59 -3.30 -11.87
CA LEU C 166 -25.25 -2.03 -11.50
C LEU C 166 -24.77 -0.89 -12.39
N THR C 167 -23.51 -0.90 -12.75
CA THR C 167 -22.90 0.21 -13.55
C THR C 167 -23.15 -0.04 -15.04
N VAL C 168 -22.85 -1.22 -15.53
CA VAL C 168 -22.90 -1.46 -17.00
C VAL C 168 -24.35 -1.40 -17.48
N MET C 169 -25.30 -1.92 -16.72
CA MET C 169 -26.74 -1.97 -17.09
C MET C 169 -27.49 -0.74 -16.52
N SER C 170 -26.81 0.33 -16.14
CA SER C 170 -27.49 1.54 -15.65
C SER C 170 -28.23 2.25 -16.78
N ALA C 171 -29.11 3.17 -16.38
CA ALA C 171 -29.87 4.05 -17.28
C ALA C 171 -29.06 5.31 -17.56
N GLY C 172 -27.73 5.21 -17.63
CA GLY C 172 -26.86 6.27 -18.14
C GLY C 172 -25.97 6.95 -17.08
N ASP C 173 -26.31 6.98 -15.78
CA ASP C 173 -25.35 7.54 -14.77
C ASP C 173 -24.77 6.44 -13.86
N PRO C 174 -23.70 5.73 -14.26
CA PRO C 174 -23.26 4.56 -13.51
C PRO C 174 -22.77 4.88 -12.08
N LEU C 175 -22.46 6.14 -11.79
CA LEU C 175 -22.05 6.58 -10.43
C LEU C 175 -23.18 6.34 -9.42
N ARG C 176 -24.41 6.37 -9.84
CA ARG C 176 -25.60 6.33 -8.95
C ARG C 176 -25.70 4.97 -8.24
N GLY C 177 -25.05 3.91 -8.71
CA GLY C 177 -25.13 2.56 -8.10
C GLY C 177 -26.58 2.08 -8.14
N GLU C 178 -27.22 2.22 -9.29
CA GLU C 178 -28.56 1.63 -9.49
C GLU C 178 -28.77 1.34 -10.97
N ALA C 179 -29.57 0.34 -11.24
CA ALA C 179 -29.80 -0.12 -12.63
C ALA C 179 -31.23 -0.61 -12.73
N PRO C 180 -31.94 -0.29 -13.82
CA PRO C 180 -33.30 -0.80 -14.03
C PRO C 180 -33.37 -2.33 -13.97
N LYS C 181 -34.33 -2.86 -13.22
CA LYS C 181 -34.54 -4.32 -13.17
C LYS C 181 -34.81 -4.87 -14.58
N LYS C 182 -35.50 -4.12 -15.43
CA LYS C 182 -35.84 -4.62 -16.78
C LYS C 182 -34.55 -4.88 -17.58
N PHE C 183 -33.52 -4.10 -17.37
CA PHE C 183 -32.22 -4.27 -18.07
C PHE C 183 -31.44 -5.42 -17.45
N VAL C 184 -31.28 -5.38 -16.14
CA VAL C 184 -30.45 -6.41 -15.43
C VAL C 184 -31.05 -7.79 -15.64
N ASN C 185 -32.37 -7.89 -15.58
CA ASN C 185 -33.01 -9.20 -15.76
C ASN C 185 -32.75 -9.79 -17.16
N VAL C 186 -32.80 -8.97 -18.23
CA VAL C 186 -32.48 -9.45 -19.59
C VAL C 186 -31.02 -9.86 -19.67
N PHE C 187 -30.13 -9.01 -19.15
CA PHE C 187 -28.68 -9.23 -19.14
C PHE C 187 -28.39 -10.64 -18.58
N PHE C 188 -28.93 -10.97 -17.43
CA PHE C 188 -28.71 -12.33 -16.83
C PHE C 188 -29.46 -13.44 -17.58
N ARG C 189 -30.76 -13.28 -17.82
CA ARG C 189 -31.61 -14.37 -18.34
C ARG C 189 -31.27 -14.69 -19.78
N GLU C 190 -30.91 -13.69 -20.56
CA GLU C 190 -30.70 -13.90 -22.01
C GLU C 190 -29.26 -13.65 -22.41
N GLU C 191 -28.42 -13.05 -21.55
CA GLU C 191 -27.07 -12.67 -21.96
C GLU C 191 -27.19 -11.89 -23.27
N ARG C 192 -27.96 -10.81 -23.13
CA ARG C 192 -28.31 -9.93 -24.25
C ARG C 192 -28.24 -8.51 -23.72
N MET C 193 -27.75 -7.61 -24.55
CA MET C 193 -27.82 -6.16 -24.26
C MET C 193 -29.27 -5.74 -24.45
N PRO C 194 -29.92 -5.10 -23.47
CA PRO C 194 -31.36 -4.83 -23.56
C PRO C 194 -31.72 -3.59 -24.41
N ILE C 195 -31.34 -3.66 -25.67
CA ILE C 195 -31.39 -2.47 -26.57
C ILE C 195 -32.85 -2.17 -26.92
N LYS C 196 -33.65 -3.18 -27.26
CA LYS C 196 -35.09 -2.86 -27.57
C LYS C 196 -35.80 -2.35 -26.31
N GLU C 197 -35.30 -2.68 -25.09
CA GLU C 197 -35.89 -2.27 -23.80
C GLU C 197 -35.52 -0.82 -23.45
N GLY C 198 -34.53 -0.25 -24.15
CA GLY C 198 -34.10 1.15 -23.99
C GLY C 198 -32.71 1.35 -23.38
N TRP C 199 -31.93 0.29 -23.16
CA TRP C 199 -30.56 0.40 -22.61
C TRP C 199 -29.63 1.02 -23.65
N LYS C 200 -28.71 1.85 -23.21
CA LYS C 200 -27.63 2.34 -24.06
C LYS C 200 -26.32 2.19 -23.30
N ARG C 201 -25.25 1.97 -24.06
CA ARG C 201 -23.88 1.96 -23.52
C ARG C 201 -23.71 3.21 -22.68
N SER C 202 -23.15 3.07 -21.48
CA SER C 202 -22.76 4.23 -20.65
C SER C 202 -21.92 5.25 -21.44
N THR C 203 -22.22 6.55 -21.30
CA THR C 203 -21.34 7.60 -21.86
C THR C 203 -20.30 7.98 -20.82
N THR C 204 -20.41 7.46 -19.58
CA THR C 204 -19.41 7.70 -18.51
C THR C 204 -18.48 6.50 -18.48
N PRO C 205 -17.16 6.69 -18.56
CA PRO C 205 -16.26 5.55 -18.46
C PRO C 205 -16.37 4.87 -17.09
N ILE C 206 -16.42 3.53 -17.12
CA ILE C 206 -16.51 2.66 -15.92
C ILE C 206 -15.10 2.16 -15.60
N THR C 207 -14.54 2.68 -14.51
CA THR C 207 -13.11 2.55 -14.12
C THR C 207 -12.98 1.93 -12.73
N ILE C 208 -11.75 1.60 -12.34
CA ILE C 208 -11.48 1.12 -10.95
C ILE C 208 -11.89 2.17 -9.93
N PRO C 209 -11.51 3.46 -10.08
CA PRO C 209 -11.99 4.50 -9.16
C PRO C 209 -13.51 4.69 -9.08
N LEU C 210 -14.24 4.47 -10.19
CA LEU C 210 -15.70 4.55 -10.15
C LEU C 210 -16.25 3.35 -9.36
N LEU C 211 -15.75 2.15 -9.68
CA LEU C 211 -16.30 0.93 -9.11
C LEU C 211 -15.94 0.81 -7.63
N GLY C 212 -14.71 1.16 -7.25
CA GLY C 212 -14.16 0.84 -5.91
C GLY C 212 -15.14 1.15 -4.79
N PRO C 213 -15.66 2.40 -4.67
CA PRO C 213 -16.52 2.71 -3.53
C PRO C 213 -17.87 1.99 -3.56
N ILE C 214 -18.36 1.66 -4.76
CA ILE C 214 -19.61 0.87 -4.87
C ILE C 214 -19.36 -0.55 -4.36
N ILE C 215 -18.25 -1.15 -4.77
CA ILE C 215 -17.82 -2.50 -4.33
C ILE C 215 -17.72 -2.51 -2.80
N GLU C 216 -17.03 -1.53 -2.25
CA GLU C 216 -16.75 -1.49 -0.78
C GLU C 216 -18.08 -1.29 -0.05
N ARG C 217 -18.99 -0.46 -0.55
CA ARG C 217 -20.26 -0.23 0.14
C ARG C 217 -21.19 -1.45 0.04
N ILE C 218 -21.17 -2.18 -1.09
CA ILE C 218 -21.96 -3.45 -1.15
C ILE C 218 -21.43 -4.40 -0.07
N THR C 219 -20.13 -4.58 -0.01
CA THR C 219 -19.55 -5.51 1.00
C THR C 219 -19.98 -5.03 2.39
N GLU C 220 -19.83 -3.74 2.64
CA GLU C 220 -20.16 -3.19 3.97
C GLU C 220 -21.61 -3.46 4.31
N LEU C 221 -22.55 -3.14 3.43
CA LEU C 221 -23.98 -3.25 3.73
C LEU C 221 -24.43 -4.71 3.83
N SER C 222 -23.67 -5.60 3.25
CA SER C 222 -24.04 -7.04 3.23
C SER C 222 -23.77 -7.68 4.61
N ASP C 223 -23.08 -6.95 5.50
CA ASP C 223 -22.72 -7.43 6.86
C ASP C 223 -21.89 -8.70 6.77
N TRP C 224 -20.97 -8.76 5.82
CA TRP C 224 -20.12 -9.95 5.57
C TRP C 224 -19.20 -10.18 6.75
N LYS C 225 -19.12 -11.43 7.21
CA LYS C 225 -18.18 -11.84 8.29
C LYS C 225 -17.39 -13.04 7.79
N PRO C 226 -16.10 -13.17 8.20
CA PRO C 226 -15.36 -14.41 7.99
C PRO C 226 -16.05 -15.54 8.75
N THR C 227 -16.02 -16.72 8.12
CA THR C 227 -16.68 -17.94 8.58
C THR C 227 -15.69 -19.07 8.72
N GLY C 228 -14.49 -18.91 8.24
CA GLY C 228 -13.58 -20.07 8.16
C GLY C 228 -12.29 -19.67 7.59
N ASP C 229 -11.73 -20.53 6.77
CA ASP C 229 -10.40 -20.28 6.16
C ASP C 229 -10.55 -18.96 5.40
N ASN C 230 -9.62 -18.05 5.55
CA ASN C 230 -9.70 -16.75 4.87
C ASN C 230 -8.52 -16.56 3.92
N CYS C 231 -7.84 -17.63 3.54
CA CYS C 231 -6.65 -17.57 2.66
C CYS C 231 -7.08 -17.13 1.26
N GLY C 232 -6.42 -16.11 0.70
CA GLY C 232 -6.79 -15.54 -0.62
C GLY C 232 -6.06 -16.27 -1.72
N ALA C 233 -5.76 -17.56 -1.57
CA ALA C 233 -5.08 -18.37 -2.61
C ALA C 233 -6.06 -18.62 -3.74
N ILE C 234 -5.60 -18.46 -4.97
CA ILE C 234 -6.41 -18.84 -6.15
C ILE C 234 -5.74 -20.05 -6.81
N VAL C 235 -6.53 -20.72 -7.61
CA VAL C 235 -6.04 -21.78 -8.52
C VAL C 235 -5.33 -21.11 -9.68
N LEU C 236 -4.06 -21.48 -9.93
CA LEU C 236 -3.17 -20.77 -10.87
C LEU C 236 -3.12 -21.44 -12.24
N SER C 237 -3.77 -22.60 -12.40
CA SER C 237 -3.76 -23.34 -13.67
C SER C 237 -4.82 -24.42 -13.63
N PRO C 238 -5.29 -24.89 -14.79
CA PRO C 238 -6.10 -26.11 -14.80
C PRO C 238 -5.16 -27.28 -14.48
N GLU C 239 -5.73 -28.46 -14.25
CA GLU C 239 -4.96 -29.60 -13.65
C GLU C 239 -3.67 -29.87 -14.46
N VAL D 2 18.05 -21.02 -34.71
CA VAL D 2 18.60 -22.41 -34.53
C VAL D 2 20.13 -22.38 -34.73
N ASP D 3 20.68 -21.29 -35.29
CA ASP D 3 22.12 -20.93 -35.29
C ASP D 3 22.47 -20.18 -34.00
N PHE D 4 23.15 -20.84 -33.06
CA PHE D 4 23.63 -20.22 -31.79
C PHE D 4 24.67 -19.13 -32.11
N SER D 5 25.46 -19.24 -33.19
CA SER D 5 26.41 -18.18 -33.60
C SER D 5 25.65 -16.87 -33.92
N ALA D 6 24.42 -16.98 -34.48
CA ALA D 6 23.51 -15.85 -34.76
C ALA D 6 22.81 -15.35 -33.49
N HIS D 7 23.03 -15.97 -32.33
CA HIS D 7 22.50 -15.48 -31.02
C HIS D 7 23.64 -15.26 -30.04
N PRO D 8 24.61 -14.37 -30.34
CA PRO D 8 25.74 -14.19 -29.44
C PRO D 8 25.36 -13.47 -28.15
N TRP D 9 26.08 -13.83 -27.10
CA TRP D 9 25.94 -13.18 -25.78
C TRP D 9 26.45 -11.76 -25.88
N LYS D 10 25.70 -10.84 -25.31
CA LYS D 10 26.14 -9.44 -25.06
C LYS D 10 25.63 -9.04 -23.70
N ALA D 11 26.51 -8.50 -22.86
CA ALA D 11 26.13 -7.91 -21.57
C ALA D 11 25.05 -6.88 -21.80
N PRO D 12 24.07 -6.77 -20.87
CA PRO D 12 23.02 -5.75 -20.96
C PRO D 12 23.59 -4.34 -20.71
N GLY D 13 23.07 -3.36 -21.44
CA GLY D 13 23.32 -1.94 -21.14
C GLY D 13 22.44 -1.48 -19.99
N PRO D 14 22.67 -0.25 -19.46
CA PRO D 14 22.01 0.22 -18.24
C PRO D 14 20.50 0.49 -18.36
N ASN D 15 19.98 0.56 -19.58
CA ASN D 15 18.55 0.79 -19.85
C ASN D 15 17.87 -0.50 -20.35
N ASP D 16 18.62 -1.61 -20.48
CA ASP D 16 18.05 -2.93 -20.86
C ASP D 16 17.40 -3.52 -19.60
N SER D 17 16.14 -3.93 -19.69
CA SER D 17 15.37 -4.47 -18.55
C SER D 17 15.81 -5.92 -18.28
N ARG D 18 16.25 -6.16 -17.07
CA ARG D 18 16.61 -7.52 -16.59
C ARG D 18 15.86 -7.76 -15.30
N GLY D 19 15.47 -9.00 -15.02
CA GLY D 19 14.77 -9.27 -13.77
C GLY D 19 15.52 -10.23 -12.82
N PRO D 20 14.78 -10.92 -11.93
CA PRO D 20 15.36 -11.82 -10.93
C PRO D 20 15.57 -13.24 -11.46
N CYS D 21 15.25 -13.45 -12.73
CA CYS D 21 15.28 -14.81 -13.31
C CYS D 21 16.49 -14.96 -14.21
N PRO D 22 17.46 -15.83 -13.88
CA PRO D 22 18.59 -16.04 -14.80
C PRO D 22 18.24 -16.72 -16.10
N GLY D 23 17.18 -17.54 -16.11
CA GLY D 23 16.69 -18.22 -17.30
C GLY D 23 16.28 -17.20 -18.37
N LEU D 24 15.36 -16.28 -18.03
CA LEU D 24 14.88 -15.25 -18.98
C LEU D 24 15.99 -14.24 -19.28
N ASN D 25 16.74 -13.82 -18.27
CA ASN D 25 17.86 -12.85 -18.43
C ASN D 25 18.84 -13.40 -19.46
N THR D 26 19.15 -14.70 -19.40
CA THR D 26 20.14 -15.31 -20.33
C THR D 26 19.58 -15.34 -21.75
N LEU D 27 18.29 -15.63 -21.93
CA LEU D 27 17.66 -15.63 -23.26
C LEU D 27 17.73 -14.21 -23.84
N ALA D 28 17.53 -13.20 -23.00
CA ALA D 28 17.55 -11.77 -23.43
C ALA D 28 19.00 -11.41 -23.82
N ASN D 29 19.97 -11.90 -23.06
CA ASN D 29 21.40 -11.59 -23.30
C ASN D 29 21.95 -12.28 -24.55
N HIS D 30 21.22 -13.23 -25.14
CA HIS D 30 21.53 -13.91 -26.41
C HIS D 30 20.58 -13.48 -27.55
N GLY D 31 19.65 -12.56 -27.31
CA GLY D 31 18.66 -12.13 -28.29
C GLY D 31 17.61 -13.16 -28.65
N PHE D 32 17.39 -14.22 -27.86
CA PHE D 32 16.25 -15.15 -28.10
C PHE D 32 14.97 -14.45 -27.64
N LEU D 33 15.12 -13.65 -26.60
CA LEU D 33 14.15 -12.60 -26.20
C LEU D 33 14.75 -11.27 -26.61
N PRO D 34 13.93 -10.19 -26.73
CA PRO D 34 14.46 -8.86 -27.00
C PRO D 34 15.57 -8.47 -26.01
N ARG D 35 16.71 -8.03 -26.56
CA ARG D 35 17.88 -7.65 -25.74
C ARG D 35 17.50 -6.52 -24.80
N ASN D 36 16.49 -5.72 -25.10
CA ASN D 36 16.13 -4.63 -24.17
C ASN D 36 15.21 -5.12 -23.04
N GLY D 37 14.86 -6.40 -23.04
CA GLY D 37 14.05 -7.04 -22.00
C GLY D 37 12.65 -6.49 -21.92
N ARG D 38 12.17 -5.84 -22.99
CA ARG D 38 10.82 -5.19 -22.94
C ARG D 38 9.85 -5.81 -23.93
N ASN D 39 8.55 -5.57 -23.67
CA ASN D 39 7.43 -5.96 -24.58
C ASN D 39 7.43 -7.48 -24.78
N ILE D 40 7.64 -8.22 -23.69
CA ILE D 40 7.76 -9.68 -23.76
C ILE D 40 6.41 -10.33 -23.39
N SER D 41 5.90 -11.12 -24.31
CA SER D 41 4.62 -11.87 -24.23
C SER D 41 4.90 -13.33 -23.92
N VAL D 42 3.88 -14.06 -23.51
CA VAL D 42 4.04 -15.50 -23.24
C VAL D 42 4.45 -16.24 -24.53
N PRO D 43 3.84 -15.98 -25.71
CA PRO D 43 4.30 -16.60 -26.96
C PRO D 43 5.78 -16.37 -27.22
N MET D 44 6.28 -15.18 -26.93
CA MET D 44 7.71 -14.87 -27.08
C MET D 44 8.53 -15.73 -26.13
N ILE D 45 8.10 -15.89 -24.88
CA ILE D 45 8.85 -16.73 -23.90
C ILE D 45 8.82 -18.17 -24.38
N VAL D 46 7.68 -18.63 -24.92
CA VAL D 46 7.52 -20.04 -25.33
C VAL D 46 8.53 -20.27 -26.45
N LYS D 47 8.58 -19.40 -27.43
CA LYS D 47 9.50 -19.58 -28.59
C LYS D 47 10.95 -19.50 -28.11
N ALA D 48 11.28 -18.53 -27.25
CA ALA D 48 12.65 -18.29 -26.80
C ALA D 48 13.13 -19.48 -25.95
N GLY D 49 12.27 -20.00 -25.05
CA GLY D 49 12.69 -21.12 -24.20
C GLY D 49 12.87 -22.38 -25.04
N PHE D 50 12.08 -22.55 -26.08
CA PHE D 50 12.20 -23.73 -26.99
C PHE D 50 13.54 -23.63 -27.75
N GLU D 51 13.77 -22.49 -28.37
CA GLU D 51 14.98 -22.25 -29.22
C GLU D 51 16.23 -22.36 -28.35
N GLY D 52 16.29 -21.65 -27.22
CA GLY D 52 17.49 -21.55 -26.37
C GLY D 52 17.78 -22.83 -25.60
N TYR D 53 16.75 -23.48 -25.04
CA TYR D 53 16.93 -24.49 -23.96
C TYR D 53 16.24 -25.82 -24.22
N ASN D 54 15.39 -25.92 -25.25
CA ASN D 54 14.47 -27.05 -25.50
C ASN D 54 13.53 -27.19 -24.30
N VAL D 55 13.09 -26.07 -23.73
CA VAL D 55 12.00 -26.08 -22.69
C VAL D 55 10.68 -25.97 -23.47
N GLN D 56 9.73 -26.85 -23.17
CA GLN D 56 8.47 -27.00 -23.92
C GLN D 56 7.41 -26.01 -23.39
N SER D 57 6.32 -25.89 -24.14
CA SER D 57 5.36 -24.79 -23.90
C SER D 57 4.57 -25.02 -22.61
N ASP D 58 4.41 -26.25 -22.17
CA ASP D 58 3.55 -26.57 -20.99
C ASP D 58 4.08 -25.77 -19.80
N ILE D 59 5.37 -25.85 -19.48
CA ILE D 59 5.89 -25.16 -18.27
C ILE D 59 5.94 -23.66 -18.54
N LEU D 60 6.26 -23.22 -19.75
CA LEU D 60 6.46 -21.78 -20.04
C LEU D 60 5.11 -21.06 -20.13
N ILE D 61 4.05 -21.75 -20.54
CA ILE D 61 2.67 -21.16 -20.52
C ILE D 61 2.22 -21.03 -19.05
N LEU D 62 2.42 -22.07 -18.25
CA LEU D 62 2.00 -22.06 -16.82
C LEU D 62 2.69 -20.91 -16.10
N ALA D 63 4.02 -20.90 -16.14
CA ALA D 63 4.81 -19.86 -15.45
C ALA D 63 4.61 -18.48 -16.08
N GLY D 64 4.58 -18.42 -17.41
CA GLY D 64 4.50 -17.16 -18.16
C GLY D 64 3.26 -16.38 -17.82
N LYS D 65 2.11 -17.03 -17.76
CA LYS D 65 0.84 -16.31 -17.52
C LYS D 65 0.80 -15.83 -16.08
N ILE D 66 1.45 -16.53 -15.14
CA ILE D 66 1.56 -15.99 -13.76
C ILE D 66 2.47 -14.75 -13.80
N GLY D 67 3.58 -14.83 -14.53
CA GLY D 67 4.50 -13.70 -14.65
C GLY D 67 3.80 -12.49 -15.28
N MET D 68 2.86 -12.71 -16.20
CA MET D 68 2.17 -11.58 -16.86
C MET D 68 1.44 -10.72 -15.81
N LEU D 69 1.07 -11.27 -14.65
CA LEU D 69 0.31 -10.56 -13.60
C LEU D 69 1.17 -9.40 -13.07
N THR D 70 2.50 -9.45 -13.23
CA THR D 70 3.41 -8.47 -12.59
C THR D 70 3.42 -7.11 -13.30
N SER D 71 2.86 -7.00 -14.51
CA SER D 71 2.86 -5.71 -15.25
C SER D 71 1.45 -5.12 -15.25
N ARG D 72 1.35 -3.86 -15.68
CA ARG D 72 0.04 -3.20 -15.85
C ARG D 72 -0.41 -3.32 -17.30
N GLU D 73 0.30 -4.05 -18.15
CA GLU D 73 0.00 -4.16 -19.61
C GLU D 73 -0.89 -5.38 -19.90
N ALA D 74 -1.64 -5.34 -21.00
CA ALA D 74 -2.62 -6.37 -21.33
C ALA D 74 -1.94 -7.73 -21.49
N ASP D 75 -0.75 -7.82 -22.12
CA ASP D 75 -0.25 -9.16 -22.53
C ASP D 75 1.28 -9.16 -22.66
N THR D 76 1.95 -8.22 -22.02
CA THR D 76 3.43 -8.19 -22.01
C THR D 76 3.92 -7.72 -20.66
N ILE D 77 5.20 -7.98 -20.43
CA ILE D 77 6.00 -7.51 -19.27
C ILE D 77 7.33 -6.96 -19.76
N SER D 78 7.97 -6.20 -18.90
CA SER D 78 9.44 -6.02 -18.86
C SER D 78 10.02 -7.09 -17.94
N LEU D 79 11.25 -7.57 -18.20
CA LEU D 79 11.83 -8.62 -17.31
C LEU D 79 11.92 -8.07 -15.88
N GLU D 80 12.19 -6.79 -15.68
CA GLU D 80 12.33 -6.24 -14.30
C GLU D 80 11.00 -6.31 -13.52
N ASP D 81 9.84 -6.27 -14.20
CA ASP D 81 8.51 -6.39 -13.54
C ASP D 81 8.43 -7.67 -12.68
N LEU D 82 9.14 -8.70 -13.11
CA LEU D 82 9.09 -10.03 -12.43
C LEU D 82 9.69 -9.96 -11.02
N LYS D 83 10.30 -8.85 -10.58
CA LYS D 83 10.80 -8.72 -9.21
C LYS D 83 9.64 -8.52 -8.25
N LEU D 84 8.41 -8.29 -8.76
CA LEU D 84 7.25 -8.00 -7.88
C LEU D 84 7.13 -9.06 -6.78
N HIS D 85 7.40 -8.68 -5.54
CA HIS D 85 7.49 -9.66 -4.44
C HIS D 85 6.13 -10.31 -4.18
N GLY D 86 6.10 -11.65 -4.14
CA GLY D 86 4.91 -12.42 -3.77
C GLY D 86 4.02 -12.75 -4.95
N THR D 87 4.44 -12.50 -6.19
CA THR D 87 3.76 -13.13 -7.35
C THR D 87 4.54 -14.42 -7.59
N ILE D 88 5.66 -14.36 -8.30
CA ILE D 88 6.60 -15.54 -8.32
C ILE D 88 7.77 -15.20 -7.38
N GLU D 89 8.32 -14.00 -7.46
CA GLU D 89 9.54 -13.65 -6.70
C GLU D 89 9.29 -13.97 -5.23
N HIS D 90 10.28 -14.58 -4.58
CA HIS D 90 10.15 -15.13 -3.22
C HIS D 90 11.44 -14.92 -2.42
N ASP D 91 11.29 -15.07 -1.12
CA ASP D 91 12.41 -15.13 -0.17
C ASP D 91 13.19 -16.43 -0.39
N ALA D 92 14.43 -16.50 0.09
CA ALA D 92 15.28 -17.72 0.05
C ALA D 92 15.58 -18.08 -1.41
N SER D 93 15.90 -17.06 -2.23
CA SER D 93 16.44 -17.27 -3.58
C SER D 93 17.87 -17.82 -3.48
N LEU D 94 18.33 -18.42 -4.55
CA LEU D 94 19.67 -19.03 -4.66
C LEU D 94 20.72 -17.94 -4.82
N SER D 95 20.36 -16.77 -5.36
CA SER D 95 21.40 -15.81 -5.86
C SER D 95 20.96 -14.37 -5.66
N ARG D 96 19.79 -14.15 -5.08
CA ARG D 96 19.27 -12.80 -4.75
C ARG D 96 19.01 -12.71 -3.27
N GLU D 97 19.00 -11.49 -2.73
CA GLU D 97 18.65 -11.25 -1.31
C GLU D 97 17.14 -11.12 -1.20
N ASP D 98 16.62 -11.42 -0.03
CA ASP D 98 15.19 -11.25 0.33
C ASP D 98 14.85 -9.76 0.26
N VAL D 99 13.68 -9.39 -0.26
CA VAL D 99 13.36 -7.95 -0.50
C VAL D 99 13.27 -7.17 0.83
N ALA D 100 12.90 -7.80 1.93
CA ALA D 100 12.72 -7.11 3.23
C ALA D 100 14.07 -6.68 3.78
N ILE D 101 15.19 -7.28 3.37
CA ILE D 101 16.54 -7.02 3.95
C ILE D 101 17.60 -6.78 2.87
N GLY D 102 17.22 -6.68 1.59
CA GLY D 102 18.19 -6.43 0.52
C GLY D 102 17.61 -6.30 -0.88
N ASP D 103 18.44 -6.56 -1.86
CA ASP D 103 18.16 -6.35 -3.30
C ASP D 103 17.59 -7.68 -3.82
N ASN D 104 16.31 -7.72 -4.23
CA ASN D 104 15.68 -9.00 -4.66
C ASN D 104 15.79 -9.16 -6.17
N LEU D 105 16.59 -8.34 -6.86
CA LEU D 105 16.61 -8.25 -8.32
C LEU D 105 17.92 -8.81 -8.88
N HIS D 106 19.06 -8.34 -8.36
CA HIS D 106 20.38 -8.56 -8.99
C HIS D 106 21.08 -9.81 -8.44
N PHE D 107 21.89 -10.44 -9.29
CA PHE D 107 22.77 -11.54 -8.87
C PHE D 107 23.69 -11.01 -7.77
N ASN D 108 23.88 -11.78 -6.73
CA ASN D 108 24.65 -11.40 -5.51
C ASN D 108 25.57 -12.58 -5.14
N GLU D 109 26.87 -12.46 -5.39
CA GLU D 109 27.87 -13.54 -5.22
C GLU D 109 27.87 -14.07 -3.77
N ALA D 110 27.70 -13.21 -2.77
CA ALA D 110 27.72 -13.56 -1.34
C ALA D 110 26.56 -14.53 -1.07
N ILE D 111 25.38 -14.25 -1.60
CA ILE D 111 24.24 -15.20 -1.48
C ILE D 111 24.57 -16.47 -2.24
N PHE D 112 25.06 -16.35 -3.46
CA PHE D 112 25.37 -17.48 -4.34
C PHE D 112 26.40 -18.43 -3.70
N THR D 113 27.19 -17.97 -2.75
CA THR D 113 28.26 -18.78 -2.12
C THR D 113 27.68 -20.14 -1.67
N THR D 114 26.49 -20.15 -1.09
CA THR D 114 25.91 -21.42 -0.54
C THR D 114 25.80 -22.44 -1.68
N LEU D 115 25.16 -22.05 -2.78
CA LEU D 115 25.14 -22.92 -3.97
C LEU D 115 26.55 -23.23 -4.50
N ALA D 116 27.41 -22.22 -4.69
CA ALA D 116 28.74 -22.46 -5.29
C ALA D 116 29.54 -23.48 -4.48
N ASN D 117 29.34 -23.57 -3.17
CA ASN D 117 30.16 -24.45 -2.29
C ASN D 117 29.47 -25.81 -2.09
N SER D 118 28.33 -26.05 -2.74
CA SER D 118 27.51 -27.26 -2.50
C SER D 118 28.12 -28.45 -3.27
N ASN D 119 27.59 -29.64 -2.99
CA ASN D 119 28.04 -30.94 -3.55
C ASN D 119 29.56 -31.04 -3.42
N PRO D 120 30.10 -31.02 -2.18
CA PRO D 120 31.54 -30.96 -1.96
C PRO D 120 32.23 -32.17 -2.57
N GLY D 121 33.34 -31.95 -3.27
CA GLY D 121 34.18 -33.01 -3.85
C GLY D 121 33.74 -33.39 -5.27
N ALA D 122 32.58 -32.95 -5.75
CA ALA D 122 32.06 -33.30 -7.09
C ALA D 122 32.25 -32.11 -8.05
N ASP D 123 32.11 -32.34 -9.34
CA ASP D 123 32.21 -31.29 -10.38
C ASP D 123 30.83 -31.00 -10.95
N VAL D 124 29.78 -31.53 -10.30
CA VAL D 124 28.36 -31.31 -10.70
C VAL D 124 27.58 -30.86 -9.46
N TYR D 125 26.50 -30.14 -9.72
CA TYR D 125 25.39 -29.97 -8.75
C TYR D 125 24.33 -31.01 -9.11
N ASN D 126 23.64 -31.52 -8.08
CA ASN D 126 22.63 -32.56 -8.32
C ASN D 126 21.40 -32.33 -7.44
N ILE D 127 20.46 -33.24 -7.53
CA ILE D 127 19.19 -33.15 -6.76
C ILE D 127 19.49 -33.06 -5.27
N SER D 128 20.40 -33.89 -4.77
CA SER D 128 20.74 -33.96 -3.33
C SER D 128 21.30 -32.61 -2.89
N SER D 129 22.28 -32.11 -3.66
CA SER D 129 22.95 -30.85 -3.28
C SER D 129 21.97 -29.68 -3.41
N ALA D 130 21.09 -29.70 -4.42
CA ALA D 130 20.07 -28.65 -4.63
C ALA D 130 19.14 -28.61 -3.41
N ALA D 131 18.83 -29.79 -2.86
CA ALA D 131 17.97 -29.89 -1.68
C ALA D 131 18.67 -29.26 -0.46
N GLN D 132 19.95 -29.56 -0.28
CA GLN D 132 20.75 -29.05 0.86
C GLN D 132 20.84 -27.53 0.76
N VAL D 133 21.02 -27.04 -0.46
CA VAL D 133 21.12 -25.57 -0.68
C VAL D 133 19.78 -24.92 -0.33
N GLN D 134 18.68 -25.49 -0.79
CA GLN D 134 17.34 -24.91 -0.45
C GLN D 134 17.15 -24.90 1.06
N HIS D 135 17.50 -25.98 1.76
CA HIS D 135 17.38 -26.02 3.23
C HIS D 135 18.21 -24.88 3.84
N ASP D 136 19.45 -24.72 3.38
CA ASP D 136 20.37 -23.77 4.02
C ASP D 136 19.93 -22.36 3.69
N ARG D 137 19.45 -22.11 2.47
CA ARG D 137 19.00 -20.74 2.10
C ARG D 137 17.76 -20.36 2.90
N LEU D 138 16.79 -21.25 3.03
CA LEU D 138 15.59 -21.04 3.88
C LEU D 138 16.05 -20.80 5.32
N ALA D 139 16.98 -21.58 5.84
CA ALA D 139 17.44 -21.38 7.24
C ALA D 139 17.99 -19.96 7.40
N ASP D 140 18.73 -19.49 6.41
CA ASP D 140 19.29 -18.12 6.42
C ASP D 140 18.16 -17.09 6.47
N SER D 141 17.16 -17.22 5.58
CA SER D 141 15.99 -16.29 5.60
C SER D 141 15.23 -16.38 6.92
N LEU D 142 15.06 -17.56 7.49
CA LEU D 142 14.34 -17.70 8.76
C LEU D 142 15.15 -17.00 9.87
N ALA D 143 16.48 -17.09 9.87
CA ALA D 143 17.32 -16.45 10.92
C ALA D 143 17.32 -14.92 10.80
N ARG D 144 17.39 -14.34 9.59
CA ARG D 144 17.74 -12.92 9.38
C ARG D 144 16.58 -12.08 8.85
N ASN D 145 15.48 -12.70 8.41
CA ASN D 145 14.36 -11.97 7.77
C ASN D 145 13.10 -12.15 8.61
N PRO D 146 12.73 -11.14 9.42
CA PRO D 146 11.55 -11.27 10.27
C PRO D 146 10.25 -11.26 9.45
N ASN D 147 10.28 -10.80 8.20
CA ASN D 147 9.09 -10.73 7.30
C ASN D 147 9.14 -11.88 6.29
N VAL D 148 9.82 -12.97 6.61
CA VAL D 148 10.01 -14.08 5.63
C VAL D 148 8.66 -14.73 5.33
N THR D 149 8.43 -15.07 4.06
CA THR D 149 7.28 -15.88 3.57
C THR D 149 7.82 -17.22 3.07
N ASN D 150 7.28 -18.28 3.63
CA ASN D 150 7.70 -19.67 3.34
C ASN D 150 6.45 -20.55 3.39
N THR D 151 5.92 -20.93 2.23
CA THR D 151 4.61 -21.62 2.09
C THR D 151 4.80 -22.77 1.13
N ASP D 152 3.82 -23.67 1.06
CA ASP D 152 3.81 -24.77 0.05
C ASP D 152 4.09 -24.18 -1.34
N LEU D 153 3.52 -23.02 -1.65
CA LEU D 153 3.69 -22.39 -2.97
C LEU D 153 5.14 -21.95 -3.16
N THR D 154 5.70 -21.15 -2.24
CA THR D 154 7.10 -20.65 -2.43
C THR D 154 8.02 -21.86 -2.52
N ALA D 155 7.75 -22.87 -1.72
CA ALA D 155 8.64 -24.05 -1.62
C ALA D 155 8.60 -24.79 -2.96
N THR D 156 7.41 -24.94 -3.53
CA THR D 156 7.24 -25.57 -4.87
C THR D 156 7.95 -24.76 -5.95
N ILE D 157 7.80 -23.43 -5.96
CA ILE D 157 8.49 -22.56 -6.96
C ILE D 157 10.00 -22.69 -6.79
N ARG D 158 10.50 -22.73 -5.57
CA ARG D 158 11.97 -22.85 -5.33
C ARG D 158 12.46 -24.17 -5.91
N SER D 159 11.79 -25.28 -5.62
CA SER D 159 12.25 -26.57 -6.17
C SER D 159 12.13 -26.57 -7.67
N SER D 160 11.12 -25.92 -8.25
CA SER D 160 10.97 -25.78 -9.71
C SER D 160 12.20 -25.08 -10.29
N GLU D 161 12.63 -24.02 -9.65
CA GLU D 161 13.76 -23.20 -10.17
C GLU D 161 15.04 -24.03 -10.07
N SER D 162 15.22 -24.80 -9.01
CA SER D 162 16.40 -25.68 -8.88
C SER D 162 16.33 -26.71 -10.00
N ALA D 163 15.16 -27.30 -10.24
CA ALA D 163 14.98 -28.30 -11.32
C ALA D 163 15.27 -27.66 -12.67
N PHE D 164 14.92 -26.38 -12.82
CA PHE D 164 15.19 -25.65 -14.08
C PHE D 164 16.70 -25.55 -14.34
N PHE D 165 17.50 -25.14 -13.37
CA PHE D 165 18.94 -25.00 -13.67
C PHE D 165 19.54 -26.38 -13.86
N LEU D 166 19.10 -27.38 -13.08
CA LEU D 166 19.70 -28.73 -13.21
C LEU D 166 19.45 -29.29 -14.59
N THR D 167 18.27 -29.07 -15.16
CA THR D 167 17.88 -29.66 -16.46
C THR D 167 18.45 -28.83 -17.62
N VAL D 168 18.25 -27.52 -17.60
CA VAL D 168 18.61 -26.66 -18.77
C VAL D 168 20.14 -26.62 -18.92
N MET D 169 20.90 -26.67 -17.83
CA MET D 169 22.38 -26.55 -17.88
C MET D 169 23.04 -27.93 -17.79
N SER D 170 22.33 -29.01 -18.07
CA SER D 170 22.89 -30.38 -17.96
C SER D 170 23.95 -30.59 -19.06
N ALA D 171 24.72 -31.66 -18.92
CA ALA D 171 25.73 -32.10 -19.90
C ALA D 171 25.07 -32.80 -21.08
N GLY D 172 23.73 -32.82 -21.14
CA GLY D 172 22.97 -33.12 -22.36
C GLY D 172 21.85 -34.13 -22.13
N ASP D 173 21.82 -34.79 -20.96
CA ASP D 173 20.64 -35.60 -20.56
C ASP D 173 19.96 -34.97 -19.34
N PRO D 174 18.92 -34.14 -19.54
CA PRO D 174 18.33 -33.40 -18.42
C PRO D 174 17.65 -34.32 -17.41
N LEU D 175 17.32 -35.56 -17.77
CA LEU D 175 16.74 -36.54 -16.80
C LEU D 175 17.73 -36.86 -15.68
N ARG D 176 19.02 -36.70 -15.92
CA ARG D 176 20.07 -37.14 -14.96
C ARG D 176 19.88 -36.43 -13.62
N GLY D 177 19.31 -35.22 -13.60
CA GLY D 177 19.18 -34.44 -12.34
C GLY D 177 20.54 -34.01 -11.80
N GLU D 178 21.45 -33.66 -12.72
CA GLU D 178 22.77 -33.09 -12.35
C GLU D 178 23.25 -32.20 -13.50
N ALA D 179 23.98 -31.17 -13.10
CA ALA D 179 24.55 -30.23 -14.10
C ALA D 179 25.96 -29.85 -13.70
N PRO D 180 26.92 -29.83 -14.69
CA PRO D 180 28.27 -29.37 -14.40
C PRO D 180 28.25 -28.04 -13.63
N LYS D 181 29.06 -27.93 -12.56
CA LYS D 181 29.22 -26.69 -11.78
C LYS D 181 29.73 -25.59 -12.72
N LYS D 182 30.62 -25.93 -13.66
CA LYS D 182 31.22 -24.91 -14.54
C LYS D 182 30.10 -24.29 -15.38
N PHE D 183 29.09 -25.05 -15.82
CA PHE D 183 27.98 -24.48 -16.63
C PHE D 183 27.07 -23.62 -15.73
N VAL D 184 26.63 -24.17 -14.61
CA VAL D 184 25.64 -23.47 -13.73
C VAL D 184 26.25 -22.19 -13.18
N ASN D 185 27.56 -22.17 -12.91
CA ASN D 185 28.23 -20.99 -12.32
C ASN D 185 28.23 -19.85 -13.37
N VAL D 186 28.48 -20.17 -14.63
CA VAL D 186 28.44 -19.18 -15.74
C VAL D 186 26.98 -18.72 -15.88
N PHE D 187 26.06 -19.67 -15.88
CA PHE D 187 24.62 -19.35 -16.05
C PHE D 187 24.22 -18.25 -15.06
N PHE D 188 24.52 -18.42 -13.79
CA PHE D 188 24.09 -17.52 -12.69
C PHE D 188 24.96 -16.25 -12.71
N ARG D 189 26.29 -16.41 -12.75
CA ARG D 189 27.19 -15.24 -12.58
C ARG D 189 27.14 -14.33 -13.80
N GLU D 190 27.01 -14.84 -15.01
CA GLU D 190 27.07 -13.99 -16.23
C GLU D 190 25.74 -13.93 -16.98
N GLU D 191 24.75 -14.76 -16.63
CA GLU D 191 23.51 -14.90 -17.42
C GLU D 191 23.87 -15.12 -18.88
N ARG D 192 24.68 -16.15 -19.11
CA ARG D 192 25.29 -16.54 -20.39
C ARG D 192 25.18 -18.06 -20.56
N MET D 193 24.85 -18.51 -21.74
CA MET D 193 24.88 -19.91 -22.16
C MET D 193 26.34 -20.30 -22.32
N PRO D 194 26.81 -21.26 -21.48
CA PRO D 194 28.25 -21.61 -21.42
C PRO D 194 28.72 -22.42 -22.64
N ILE D 195 28.61 -21.85 -23.84
CA ILE D 195 28.83 -22.61 -25.10
C ILE D 195 30.34 -22.92 -25.22
N LYS D 196 31.22 -21.95 -24.99
CA LYS D 196 32.67 -22.21 -25.20
C LYS D 196 33.16 -23.15 -24.09
N GLU D 197 32.45 -23.21 -22.96
CA GLU D 197 32.79 -24.10 -21.82
C GLU D 197 32.33 -25.51 -22.16
N GLY D 198 31.52 -25.68 -23.22
CA GLY D 198 31.11 -26.99 -23.76
C GLY D 198 29.63 -27.33 -23.58
N TRP D 199 28.81 -26.38 -23.14
CA TRP D 199 27.34 -26.59 -22.99
C TRP D 199 26.68 -26.59 -24.37
N LYS D 200 25.68 -27.44 -24.55
CA LYS D 200 24.81 -27.44 -25.75
C LYS D 200 23.36 -27.61 -25.29
N ARG D 201 22.45 -26.98 -26.01
CA ARG D 201 21.00 -27.10 -25.80
C ARG D 201 20.65 -28.59 -25.70
N SER D 202 19.86 -28.96 -24.69
CA SER D 202 19.32 -30.33 -24.56
C SER D 202 18.72 -30.79 -25.89
N THR D 203 18.98 -32.04 -26.29
CA THR D 203 18.26 -32.71 -27.41
C THR D 203 16.97 -33.34 -26.89
N THR D 204 16.82 -33.46 -25.57
CA THR D 204 15.60 -33.99 -24.88
C THR D 204 14.69 -32.82 -24.51
N PRO D 205 13.41 -32.83 -24.92
CA PRO D 205 12.45 -31.81 -24.51
C PRO D 205 12.25 -31.79 -22.99
N ILE D 206 12.30 -30.59 -22.41
CA ILE D 206 12.13 -30.37 -20.96
C ILE D 206 10.71 -29.90 -20.74
N THR D 207 9.96 -30.71 -20.00
CA THR D 207 8.47 -30.67 -19.93
C THR D 207 8.05 -30.76 -18.46
N ILE D 208 6.77 -30.47 -18.18
CA ILE D 208 6.24 -30.65 -16.80
C ILE D 208 6.43 -32.10 -16.34
N PRO D 209 6.05 -33.14 -17.11
CA PRO D 209 6.30 -34.52 -16.69
C PRO D 209 7.77 -34.86 -16.43
N LEU D 210 8.69 -34.28 -17.20
CA LEU D 210 10.14 -34.51 -16.93
C LEU D 210 10.54 -33.83 -15.60
N LEU D 211 10.13 -32.58 -15.40
CA LEU D 211 10.54 -31.77 -14.23
C LEU D 211 9.89 -32.30 -12.93
N GLY D 212 8.64 -32.77 -13.00
CA GLY D 212 7.83 -33.00 -11.80
C GLY D 212 8.51 -33.88 -10.76
N PRO D 213 9.03 -35.07 -11.16
CA PRO D 213 9.68 -35.95 -10.19
C PRO D 213 10.97 -35.37 -9.60
N ILE D 214 11.69 -34.57 -10.41
CA ILE D 214 12.90 -33.89 -9.92
C ILE D 214 12.47 -32.89 -8.82
N ILE D 215 11.43 -32.11 -9.12
CA ILE D 215 10.90 -31.10 -8.16
C ILE D 215 10.50 -31.82 -6.87
N GLU D 216 9.80 -32.95 -6.98
CA GLU D 216 9.34 -33.68 -5.77
C GLU D 216 10.53 -34.21 -4.95
N ARG D 217 11.56 -34.74 -5.62
CA ARG D 217 12.76 -35.27 -4.93
C ARG D 217 13.53 -34.16 -4.21
N ILE D 218 13.74 -33.03 -4.88
CA ILE D 218 14.43 -31.87 -4.24
C ILE D 218 13.64 -31.50 -2.98
N THR D 219 12.33 -31.37 -3.10
CA THR D 219 11.56 -31.00 -1.91
C THR D 219 11.71 -32.05 -0.83
N GLU D 220 11.59 -33.33 -1.20
CA GLU D 220 11.67 -34.40 -0.19
C GLU D 220 13.02 -34.42 0.54
N LEU D 221 14.11 -34.16 -0.15
CA LEU D 221 15.46 -34.24 0.46
C LEU D 221 15.78 -32.99 1.26
N SER D 222 14.97 -31.94 1.20
CA SER D 222 15.30 -30.61 1.74
C SER D 222 14.84 -30.43 3.18
N ASP D 223 14.23 -31.44 3.82
CA ASP D 223 13.79 -31.34 5.25
C ASP D 223 12.99 -30.03 5.43
N TRP D 224 11.96 -29.86 4.62
CA TRP D 224 11.20 -28.60 4.50
C TRP D 224 10.00 -28.63 5.44
N LYS D 225 9.66 -27.46 5.94
CA LYS D 225 8.46 -27.28 6.79
C LYS D 225 7.95 -25.88 6.48
N PRO D 226 6.63 -25.64 6.43
CA PRO D 226 6.13 -24.28 6.25
C PRO D 226 6.29 -23.42 7.51
N THR D 227 6.18 -22.10 7.33
CA THR D 227 6.27 -21.04 8.35
C THR D 227 4.96 -20.29 8.39
N GLY D 228 4.55 -19.96 9.62
CA GLY D 228 3.43 -19.05 9.92
C GLY D 228 2.20 -19.46 9.15
N ASP D 229 1.60 -18.45 8.53
CA ASP D 229 0.40 -18.60 7.65
C ASP D 229 0.86 -19.23 6.34
N ASN D 230 0.68 -20.54 6.25
CA ASN D 230 0.99 -21.35 5.06
C ASN D 230 -0.09 -21.08 4.01
N CYS D 231 -0.21 -19.83 3.59
CA CYS D 231 -1.28 -19.41 2.67
C CYS D 231 -0.65 -19.20 1.29
N GLY D 232 -1.14 -19.90 0.27
CA GLY D 232 -0.62 -19.81 -1.10
C GLY D 232 -1.19 -18.65 -1.89
N ALA D 233 -1.62 -17.56 -1.25
CA ALA D 233 -2.09 -16.34 -1.92
C ALA D 233 -0.92 -15.67 -2.65
N ILE D 234 -1.11 -15.33 -3.91
CA ILE D 234 -0.13 -14.51 -4.68
C ILE D 234 -0.64 -13.10 -4.83
N VAL D 235 0.30 -12.19 -5.07
CA VAL D 235 0.01 -10.82 -5.53
C VAL D 235 -0.46 -10.94 -6.99
N LEU D 236 -1.67 -10.45 -7.25
CA LEU D 236 -2.41 -10.67 -8.51
C LEU D 236 -2.21 -9.50 -9.47
N SER D 237 -1.54 -8.44 -9.03
CA SER D 237 -1.37 -7.19 -9.80
C SER D 237 -0.36 -6.30 -9.10
N PRO D 238 0.33 -5.42 -9.83
CA PRO D 238 1.05 -4.35 -9.15
C PRO D 238 0.00 -3.39 -8.54
N GLU D 239 0.41 -2.53 -7.60
CA GLU D 239 -0.48 -1.67 -6.76
C GLU D 239 -1.89 -1.56 -7.39
#